data_7EW0
#
_entry.id   7EW0
#
_cell.length_a   1.00
_cell.length_b   1.00
_cell.length_c   1.00
_cell.angle_alpha   90.00
_cell.angle_beta   90.00
_cell.angle_gamma   90.00
#
_symmetry.space_group_name_H-M   'P 1'
#
loop_
_entity.id
_entity.type
_entity.pdbx_description
1 polymer 'Guanine nucleotide-binding protein G(i) subunit alpha-1'
2 polymer 'Guanine nucleotide-binding protein G(I)/G(S)/G(T) subunit beta-1'
3 polymer 'Guanine nucleotide-binding protein G(I)/G(S)/G(O) subunit gamma-2'
4 polymer 'Sphingosine 1-phosphate receptor 1'
5 polymer scFv16
6 non-polymer 5-[3-[(1~{S})-1-(2-hydroxyethylamino)-2,3-dihydro-1~{H}-inden-4-yl]-1,2,4-oxadiazol-5-yl]-2-propan-2-yloxy-benzenecarbonitrile
#
loop_
_entity_poly.entity_id
_entity_poly.type
_entity_poly.pdbx_seq_one_letter_code
_entity_poly.pdbx_strand_id
1 'polypeptide(L)'
;MGCTLSAEDKAAVERSKMIDRNLREDGEKAAREVKLLLLGAGESGKSTIVKQMKIIHEAGYSEEECKQYKAVVYSNTIQS
IIAIIRAMGRLKIDFGDSARADDARQLFVLAGAAEEGFMTAELAGVIKRLWKDSGVQACFNRSREYQLNDSAAYYLNDLD
RIAQPNYIPTQQDVLRTRVKTTGIVETHFTFKDLHFKMFDVGGQRSERKKWIHCFEGVTAIIFCVALSDYDLVLAEDEEM
NRMHESMKLFDSICNNKWFTDTSIILFLNKKDLFEEKIKKSPLTICYPEYAGSNTYEEAAAYIQCQFEDLNKRKDTKEIY
THFTCATDTKNVQFVFDAVTDVIIKNNLKDCGLF
;
A
2 'polypeptide(L)'
;MHHHHLEVLFQGPGSSGSELDQLRQEAEQLKNQIRDARKACADATLSQITNNIDPVGRIQMRTRRTLRGHLAKIYAMHWG
TDSRLLVSASQDGKLIIWDSYTTNKVHAIPLRSSWVMTCAYAPSGNYVACGGLDNICSIYNLKTREGNVRVSRELAGHTG
YLSCCRFLDDNQIVTSSGDTTCALWDIETGQQTTTFTGHTGDVMSLSLAPDTRLFVSGACDASAKLWDVREGMCRQTFTG
HESDINAICFFPNGNAFATGSDDATCRLFDLRADQELMTYSHDNIICGITSVSFSKSGRLLLAGYDDFNCNVWDALKADR
AGVLAGHDNRVSCLGVTDDGMAVATGSWDSFLKIWN
;
B
3 'polypeptide(L)' MASNNTASIAQARKLVEQLKMEANIDRIKVSKAAADLMAYCEAHAKEDPLLTPVPASENPFREKKFFCAIL C
4 'polypeptide(L)'
;MKTIIALSYIFCLVFADYKDDDDANIFEMLRIDEGLRLKIYKNTEGYYTIGIGHLLTKSPSLNAAKSELDKAIGRNTNGV
ITKDEAEKLFNQDVDAAVRGILRNAKLKPVYDSLDAVRRAALINMVFQMGETGVAGFTNSLRMLQQKRWDEAAVNLAKSR
WYNQTPNRAKRVITTFRTGTWDAYMGPTSVPLVKAHRSSVSDYVNYDIIVRHYNYTGKLNISADKENSIKLTSVVFILIC
CFIILENIFVLLTIWKTKKFHRPMYYFIGNLALSDLLAGVAYTANLLLSGATTYKLTPAQWFLREGSMFVALSASVFSLL
AIAIERYITMLKMKLHNGSNNFRLFLLISACWVISLILGGLPIMGWNCISALSSCSTVLPLYHKHYILFCTTVFTLLLLS
IVILYCRIYSLVRTRSRRLTFRKNISKASRSSEKSLALLKTVIIVLSVFIACWAPLFILLLLDVGCKVKTCDILFRAEYF
LVLAVLNSGTNPIIYTLTNKEMRRAFIRIMSCCKCPSGDSAHHHHHHHHHH
;
D
5 'polypeptide(L)'
;DVQLVESGGGLVQPGGSRKLSCSASGFAFSSFGMHWVRQAPEKGLEWVAYISSGSGTIYYADTVKGRFTISRDDPKNTLF
LQMTSLRSEDTAMYYCVRSIYYYGSSPFDFWGQGTTLTVSSGGGGSGGGGSGGGGSDIVMTQATSSVPVTPGESVSISCR
SSKSLLHSNGNTYLYWFLQRPGQSPQLLIYRMSNLASGVPDRFSGSGSGTAFTLTISRLEAEDVGVYYCMQHLEYPLTFG
AGTKLELKAAAENLYFQGHHHHHHHH
;
E
#
loop_
_chem_comp.id
_chem_comp.type
_chem_comp.name
_chem_comp.formula
JEU non-polymer 5-[3-[(1~{S})-1-(2-hydroxyethylamino)-2,3-dihydro-1~{H}-inden-4-yl]-1,2,4-oxadiazol-5-yl]-2-propan-2-yloxy-benzenecarbonitrile 'C23 H24 N4 O3'
#
# COMPACT_ATOMS: atom_id res chain seq x y z
N CYS A 3 -21.84 -18.12 -6.87
CA CYS A 3 -21.68 -19.56 -6.84
C CYS A 3 -21.85 -20.09 -5.42
N THR A 4 -20.72 -20.32 -4.73
CA THR A 4 -20.77 -20.82 -3.37
C THR A 4 -21.26 -19.75 -2.40
N LEU A 5 -21.09 -18.48 -2.75
CA LEU A 5 -21.50 -17.39 -1.86
C LEU A 5 -23.01 -17.38 -1.68
N SER A 6 -23.44 -16.93 -0.50
CA SER A 6 -24.85 -16.91 -0.15
C SER A 6 -25.53 -15.70 -0.78
N ALA A 7 -26.77 -15.42 -0.36
CA ALA A 7 -27.52 -14.32 -0.95
C ALA A 7 -26.94 -12.97 -0.50
N GLU A 8 -26.67 -12.82 0.79
CA GLU A 8 -26.15 -11.57 1.31
C GLU A 8 -24.63 -11.51 1.35
N ASP A 9 -23.95 -12.65 1.14
CA ASP A 9 -22.50 -12.63 1.09
C ASP A 9 -22.00 -11.94 -0.18
N LYS A 10 -22.74 -12.07 -1.28
CA LYS A 10 -22.38 -11.37 -2.50
C LYS A 10 -22.58 -9.87 -2.36
N ALA A 11 -23.47 -9.44 -1.46
CA ALA A 11 -23.65 -8.01 -1.22
C ALA A 11 -22.44 -7.42 -0.52
N ALA A 12 -21.78 -8.18 0.35
CA ALA A 12 -20.60 -7.69 1.03
C ALA A 12 -19.42 -7.60 0.07
N VAL A 13 -19.34 -8.50 -0.91
CA VAL A 13 -18.27 -8.46 -1.89
C VAL A 13 -18.41 -7.22 -2.78
N GLU A 14 -19.65 -6.81 -3.04
CA GLU A 14 -19.86 -5.60 -3.83
C GLU A 14 -19.37 -4.37 -3.09
N ARG A 15 -19.45 -4.39 -1.76
CA ARG A 15 -18.94 -3.27 -0.97
C ARG A 15 -17.43 -3.13 -1.12
N SER A 16 -16.72 -4.27 -1.14
CA SER A 16 -15.28 -4.23 -1.34
C SER A 16 -14.92 -3.60 -2.67
N LYS A 17 -15.70 -3.88 -3.71
CA LYS A 17 -15.40 -3.34 -5.04
C LYS A 17 -15.53 -1.82 -5.07
N MET A 18 -16.63 -1.29 -4.53
CA MET A 18 -16.80 0.16 -4.53
C MET A 18 -15.81 0.83 -3.59
N ILE A 19 -15.46 0.19 -2.48
CA ILE A 19 -14.45 0.75 -1.58
C ILE A 19 -13.10 0.82 -2.28
N ASP A 20 -12.72 -0.24 -3.00
CA ASP A 20 -11.46 -0.23 -3.73
C ASP A 20 -11.48 0.80 -4.86
N ARG A 21 -12.64 0.98 -5.50
CA ARG A 21 -12.76 2.00 -6.52
C ARG A 21 -12.56 3.40 -5.94
N ASN A 22 -13.19 3.68 -4.80
CA ASN A 22 -13.03 4.98 -4.16
C ASN A 22 -11.60 5.19 -3.68
N LEU A 23 -10.93 4.10 -3.27
CA LEU A 23 -9.54 4.22 -2.87
C LEU A 23 -8.63 4.52 -4.06
N ARG A 24 -8.84 3.83 -5.18
CA ARG A 24 -8.01 4.05 -6.36
C ARG A 24 -8.26 5.42 -6.98
N GLU A 25 -9.49 5.93 -6.88
CA GLU A 25 -9.78 7.25 -7.44
C GLU A 25 -9.07 8.35 -6.66
N ASP A 26 -8.98 8.20 -5.34
CA ASP A 26 -8.30 9.21 -4.53
C ASP A 26 -6.79 9.01 -4.54
N GLY A 27 -6.32 7.78 -4.70
CA GLY A 27 -4.89 7.54 -4.75
C GLY A 27 -4.23 8.09 -6.00
N GLU A 28 -5.02 8.34 -7.05
CA GLU A 28 -4.51 8.90 -8.29
C GLU A 28 -4.57 10.42 -8.30
N LYS A 29 -5.52 11.02 -7.59
CA LYS A 29 -5.64 12.47 -7.56
C LYS A 29 -4.50 13.11 -6.76
N ALA A 30 -4.06 12.44 -5.69
CA ALA A 30 -2.97 12.95 -4.86
C ALA A 30 -1.59 12.59 -5.38
N ALA A 31 -1.51 11.87 -6.50
CA ALA A 31 -0.23 11.49 -7.08
C ALA A 31 0.23 12.42 -8.19
N ARG A 32 -0.56 13.44 -8.55
CA ARG A 32 -0.21 14.38 -9.59
C ARG A 32 0.10 15.77 -9.04
N GLU A 33 0.43 15.87 -7.76
CA GLU A 33 0.81 17.14 -7.15
C GLU A 33 2.22 17.04 -6.59
N VAL A 34 2.95 18.15 -6.68
CA VAL A 34 4.34 18.19 -6.26
C VAL A 34 4.41 18.45 -4.76
N LYS A 35 5.18 17.63 -4.05
CA LYS A 35 5.38 17.78 -2.62
C LYS A 35 6.84 18.15 -2.38
N LEU A 36 7.06 19.19 -1.58
CA LEU A 36 8.40 19.66 -1.28
C LEU A 36 8.50 20.02 0.19
N LEU A 37 9.63 19.66 0.79
CA LEU A 37 9.91 19.85 2.21
C LEU A 37 10.63 21.17 2.43
N LEU A 38 10.40 21.76 3.61
CA LEU A 38 11.07 22.99 4.01
C LEU A 38 11.91 22.74 5.25
N LEU A 39 13.11 23.31 5.27
CA LEU A 39 14.01 23.18 6.40
C LEU A 39 14.77 24.48 6.59
N GLY A 40 15.44 24.60 7.73
CA GLY A 40 16.22 25.79 8.01
C GLY A 40 16.45 25.95 9.49
N ALA A 41 17.26 26.93 9.82
CA ALA A 41 17.55 27.23 11.22
C ALA A 41 16.38 27.98 11.87
N GLY A 42 16.53 28.24 13.17
CA GLY A 42 15.48 28.95 13.88
C GLY A 42 15.31 30.38 13.40
N GLU A 43 16.42 31.08 13.20
CA GLU A 43 16.40 32.46 12.72
C GLU A 43 16.87 32.56 11.26
N SER A 44 16.57 31.56 10.45
CA SER A 44 16.99 31.52 9.06
C SER A 44 15.99 32.20 8.13
N GLY A 45 14.99 32.88 8.67
CA GLY A 45 14.01 33.57 7.84
C GLY A 45 13.06 32.66 7.11
N LYS A 46 12.70 31.53 7.71
CA LYS A 46 11.72 30.65 7.08
C LYS A 46 10.31 31.24 7.18
N SER A 47 10.03 32.01 8.23
CA SER A 47 8.72 32.60 8.39
C SER A 47 8.43 33.63 7.29
N THR A 48 9.41 34.51 7.02
CA THR A 48 9.20 35.50 5.97
C THR A 48 9.10 34.85 4.59
N ILE A 49 9.76 33.71 4.39
CA ILE A 49 9.65 33.00 3.12
C ILE A 49 8.26 32.38 2.97
N VAL A 50 7.78 31.71 4.01
CA VAL A 50 6.48 31.07 3.92
C VAL A 50 5.35 32.09 3.92
N LYS A 51 5.62 33.31 4.40
CA LYS A 51 4.59 34.34 4.40
C LYS A 51 4.61 35.15 3.11
N GLN A 52 5.79 35.38 2.54
CA GLN A 52 5.88 36.16 1.31
C GLN A 52 5.24 35.43 0.14
N MET A 53 5.48 34.12 0.02
CA MET A 53 4.91 33.33 -1.05
C MET A 53 3.39 33.27 -0.93
N LYS A 54 2.74 32.91 -2.03
CA LYS A 54 1.29 32.86 -2.06
C LYS A 54 0.76 31.77 -1.14
N ILE A 55 -0.32 32.08 -0.43
CA ILE A 55 -0.99 31.14 0.47
C ILE A 55 -2.44 31.00 0.02
N ILE A 56 -2.93 29.76 0.05
CA ILE A 56 -4.32 29.49 -0.29
C ILE A 56 -4.99 28.81 0.89
N HIS A 57 -4.19 28.12 1.70
CA HIS A 57 -4.70 27.41 2.86
C HIS A 57 -5.15 28.37 3.95
N THR A 182 1.71 24.06 16.66
CA THR A 182 2.66 23.01 17.00
C THR A 182 2.61 21.86 16.00
N GLY A 183 3.63 21.01 16.02
CA GLY A 183 3.67 19.89 15.11
C GLY A 183 3.94 20.33 13.68
N ILE A 184 3.64 19.43 12.75
CA ILE A 184 3.84 19.69 11.34
C ILE A 184 2.80 20.69 10.85
N VAL A 185 3.16 21.47 9.84
CA VAL A 185 2.27 22.45 9.24
C VAL A 185 2.34 22.29 7.72
N GLU A 186 1.18 22.20 7.09
CA GLU A 186 1.09 22.03 5.64
C GLU A 186 0.50 23.28 5.01
N THR A 187 1.14 23.74 3.93
CA THR A 187 0.69 24.91 3.18
C THR A 187 0.43 24.48 1.74
N HIS A 188 -0.77 24.79 1.24
CA HIS A 188 -1.19 24.39 -0.10
C HIS A 188 -1.41 25.64 -0.95
N PHE A 189 -0.72 25.70 -2.09
CA PHE A 189 -0.89 26.81 -3.02
C PHE A 189 -0.71 26.29 -4.44
N THR A 190 -1.27 27.04 -5.39
CA THR A 190 -1.26 26.64 -6.79
C THR A 190 -0.60 27.72 -7.64
N PHE A 191 0.08 27.27 -8.69
CA PHE A 191 0.75 28.19 -9.62
C PHE A 191 1.00 27.45 -10.93
N LYS A 192 0.54 28.04 -12.03
CA LYS A 192 0.72 27.48 -13.37
C LYS A 192 0.15 26.07 -13.46
N ASP A 193 -1.04 25.89 -12.91
CA ASP A 193 -1.76 24.60 -12.93
C ASP A 193 -0.93 23.50 -12.27
N LEU A 194 -0.34 23.81 -11.12
CA LEU A 194 0.40 22.84 -10.32
C LEU A 194 0.04 23.02 -8.86
N HIS A 195 -0.10 21.91 -8.14
CA HIS A 195 -0.44 21.93 -6.73
C HIS A 195 0.80 21.60 -5.90
N PHE A 196 1.18 22.53 -5.03
CA PHE A 196 2.36 22.39 -4.19
C PHE A 196 1.94 22.17 -2.75
N LYS A 197 2.67 21.30 -2.04
CA LYS A 197 2.49 21.10 -0.61
C LYS A 197 3.82 21.38 0.08
N MET A 198 3.77 22.18 1.14
CA MET A 198 4.97 22.60 1.87
C MET A 198 4.84 22.17 3.33
N PHE A 199 5.61 21.16 3.71
CA PHE A 199 5.61 20.65 5.08
C PHE A 199 6.72 21.35 5.86
N ASP A 200 6.33 22.16 6.84
CA ASP A 200 7.27 22.93 7.67
C ASP A 200 7.48 22.15 8.97
N VAL A 201 8.52 21.31 8.98
CA VAL A 201 8.84 20.51 10.17
C VAL A 201 9.78 21.35 11.01
N GLY A 202 9.19 22.22 11.84
CA GLY A 202 9.96 23.11 12.68
C GLY A 202 9.63 22.98 14.15
N GLY A 203 8.44 22.48 14.46
CA GLY A 203 7.99 22.33 15.82
C GLY A 203 8.32 21.01 16.48
N GLN A 204 9.09 20.15 15.81
CA GLN A 204 9.45 18.85 16.35
C GLN A 204 10.76 19.00 17.14
N ARG A 205 10.66 18.91 18.47
CA ARG A 205 11.83 19.02 19.33
C ARG A 205 12.46 17.67 19.64
N SER A 206 11.93 16.58 19.10
CA SER A 206 12.47 15.25 19.35
C SER A 206 13.68 14.99 18.46
N GLU A 207 14.14 13.74 18.45
CA GLU A 207 15.26 13.35 17.61
C GLU A 207 14.86 13.36 16.15
N ARG A 208 15.74 13.87 15.29
CA ARG A 208 15.40 13.98 13.87
C ARG A 208 15.59 12.65 13.15
N LYS A 209 16.44 11.77 13.67
CA LYS A 209 16.73 10.51 12.99
C LYS A 209 15.57 9.52 13.08
N LYS A 210 14.56 9.79 13.92
CA LYS A 210 13.48 8.83 14.10
C LYS A 210 12.36 9.03 13.08
N TRP A 211 12.00 10.29 12.81
CA TRP A 211 10.88 10.59 11.92
C TRP A 211 11.35 11.13 10.57
N ILE A 212 12.57 10.82 10.16
CA ILE A 212 13.06 11.32 8.87
C ILE A 212 12.88 10.32 7.75
N HIS A 213 12.62 9.04 8.06
CA HIS A 213 12.47 8.05 6.99
C HIS A 213 11.11 8.09 6.34
N CYS A 214 10.11 8.75 6.95
CA CYS A 214 8.81 8.88 6.33
C CYS A 214 8.77 9.96 5.26
N PHE A 215 9.79 10.81 5.17
CA PHE A 215 9.91 11.81 4.12
C PHE A 215 10.79 11.32 2.97
N GLU A 216 10.82 10.01 2.72
CA GLU A 216 11.68 9.47 1.68
C GLU A 216 11.23 9.91 0.30
N GLY A 217 9.92 9.88 0.04
CA GLY A 217 9.39 10.31 -1.23
C GLY A 217 9.02 11.78 -1.27
N VAL A 218 9.92 12.60 -1.82
CA VAL A 218 9.70 14.04 -1.91
C VAL A 218 10.47 14.55 -3.12
N THR A 219 9.92 15.59 -3.77
CA THR A 219 10.52 16.08 -5.00
C THR A 219 11.72 16.98 -4.72
N ALA A 220 11.60 17.91 -3.79
CA ALA A 220 12.69 18.83 -3.49
C ALA A 220 12.78 19.03 -1.98
N ILE A 221 13.84 19.70 -1.56
CA ILE A 221 14.08 20.00 -0.16
C ILE A 221 14.51 21.46 -0.09
N ILE A 222 13.57 22.35 0.23
CA ILE A 222 13.88 23.76 0.34
C ILE A 222 14.78 23.98 1.56
N PHE A 223 15.84 24.73 1.38
CA PHE A 223 16.80 25.04 2.44
C PHE A 223 17.00 26.55 2.48
N CYS A 224 16.86 27.14 3.65
CA CYS A 224 16.93 28.59 3.82
C CYS A 224 17.97 28.93 4.88
N VAL A 225 18.87 29.85 4.54
CA VAL A 225 19.88 30.37 5.46
C VAL A 225 19.91 31.88 5.33
N ALA A 226 20.54 32.52 6.31
CA ALA A 226 20.60 33.98 6.39
C ALA A 226 22.03 34.44 6.12
N LEU A 227 22.20 35.33 5.14
CA LEU A 227 23.53 35.84 4.82
C LEU A 227 24.04 36.75 5.92
N SER A 228 23.18 37.64 6.43
CA SER A 228 23.59 38.56 7.49
C SER A 228 23.84 37.87 8.82
N ASP A 229 23.42 36.62 8.97
CA ASP A 229 23.62 35.88 10.22
C ASP A 229 24.95 35.12 10.17
N TYR A 230 26.03 35.89 10.27
CA TYR A 230 27.37 35.31 10.28
C TYR A 230 28.30 35.92 11.33
N ASP A 231 27.93 37.04 11.96
CA ASP A 231 28.66 37.59 13.08
C ASP A 231 27.89 37.50 14.40
N LEU A 232 26.68 36.96 14.37
CA LEU A 232 25.86 36.82 15.56
C LEU A 232 26.04 35.42 16.11
N VAL A 233 26.59 35.32 17.32
CA VAL A 233 26.84 34.02 17.92
C VAL A 233 25.53 33.42 18.41
N LEU A 234 25.47 32.09 18.45
CA LEU A 234 24.28 31.41 18.92
C LEU A 234 24.13 31.58 20.43
N ALA A 235 22.89 31.55 20.89
CA ALA A 235 22.57 31.87 22.27
C ALA A 235 23.31 30.96 23.26
N GLU A 236 23.39 31.41 24.50
CA GLU A 236 24.08 30.73 25.61
C GLU A 236 25.43 30.15 25.20
N ASP A 237 26.11 30.82 24.27
CA ASP A 237 27.41 30.39 23.80
C ASP A 237 28.15 31.59 23.23
N GLU A 238 29.44 31.68 23.53
CA GLU A 238 30.25 32.81 23.11
C GLU A 238 31.39 32.45 22.17
N GLU A 239 31.55 31.18 21.79
CA GLU A 239 32.69 30.75 21.00
C GLU A 239 32.33 30.09 19.68
N MET A 240 31.07 29.71 19.47
CA MET A 240 30.67 28.99 18.27
C MET A 240 29.72 29.85 17.45
N ASN A 241 30.00 29.97 16.15
CA ASN A 241 29.21 30.80 15.25
C ASN A 241 28.05 30.01 14.66
N ARG A 242 27.00 30.72 14.27
CA ARG A 242 25.80 30.06 13.75
C ARG A 242 26.03 29.45 12.39
N MET A 243 26.90 30.05 11.58
CA MET A 243 27.21 29.46 10.27
C MET A 243 27.79 28.06 10.41
N HIS A 244 28.46 27.78 11.54
CA HIS A 244 29.02 26.45 11.75
C HIS A 244 27.92 25.39 11.81
N GLU A 245 26.93 25.59 12.69
CA GLU A 245 25.84 24.62 12.76
C GLU A 245 24.95 24.67 11.53
N SER A 246 24.90 25.81 10.83
CA SER A 246 24.19 25.83 9.55
C SER A 246 24.83 24.88 8.55
N MET A 247 26.17 24.96 8.41
CA MET A 247 26.87 24.06 7.52
C MET A 247 26.77 22.61 8.01
N LYS A 248 26.76 22.40 9.32
CA LYS A 248 26.62 21.05 9.84
C LYS A 248 25.24 20.46 9.49
N LEU A 249 24.19 21.26 9.63
CA LEU A 249 22.85 20.80 9.26
C LEU A 249 22.76 20.53 7.77
N PHE A 250 23.37 21.40 6.95
CA PHE A 250 23.36 21.16 5.51
C PHE A 250 24.11 19.88 5.15
N ASP A 251 25.22 19.61 5.83
CA ASP A 251 25.96 18.38 5.59
C ASP A 251 25.15 17.16 6.01
N SER A 252 24.45 17.25 7.14
CA SER A 252 23.66 16.12 7.61
C SER A 252 22.46 15.87 6.71
N ILE A 253 21.92 16.93 6.09
CA ILE A 253 20.76 16.77 5.21
C ILE A 253 21.18 16.25 3.84
N CYS A 254 22.25 16.80 3.28
CA CYS A 254 22.65 16.44 1.93
C CYS A 254 23.25 15.03 1.87
N ASN A 255 24.06 14.67 2.87
CA ASN A 255 24.75 13.39 2.89
C ASN A 255 23.96 12.31 3.62
N ASN A 256 22.67 12.51 3.85
CA ASN A 256 21.86 11.51 4.51
C ASN A 256 21.62 10.32 3.58
N LYS A 257 21.49 9.13 4.18
CA LYS A 257 21.33 7.91 3.40
C LYS A 257 19.97 7.80 2.74
N TRP A 258 19.00 8.63 3.11
CA TRP A 258 17.69 8.60 2.49
C TRP A 258 17.56 9.60 1.34
N PHE A 259 18.14 10.78 1.49
CA PHE A 259 18.05 11.83 0.47
C PHE A 259 19.28 11.78 -0.45
N THR A 260 19.46 10.63 -1.10
CA THR A 260 20.56 10.43 -2.03
C THR A 260 20.17 10.64 -3.48
N ASP A 261 18.91 11.00 -3.74
CA ASP A 261 18.45 11.21 -5.11
C ASP A 261 17.63 12.48 -5.29
N THR A 262 17.17 13.10 -4.21
CA THR A 262 16.34 14.30 -4.30
C THR A 262 17.22 15.54 -4.32
N SER A 263 16.94 16.44 -5.27
CA SER A 263 17.72 17.67 -5.38
C SER A 263 17.44 18.58 -4.19
N ILE A 264 18.27 19.62 -4.07
CA ILE A 264 18.17 20.58 -2.97
C ILE A 264 18.12 21.98 -3.55
N ILE A 265 17.07 22.72 -3.21
CA ILE A 265 16.94 24.12 -3.56
C ILE A 265 17.42 24.95 -2.38
N LEU A 266 18.28 25.93 -2.66
CA LEU A 266 18.92 26.71 -1.60
C LEU A 266 18.52 28.17 -1.76
N PHE A 267 18.26 28.83 -0.64
CA PHE A 267 17.83 30.22 -0.60
C PHE A 267 18.73 31.03 0.31
N LEU A 268 19.04 32.26 -0.11
CA LEU A 268 19.75 33.22 0.74
C LEU A 268 18.75 34.33 1.09
N ASN A 269 18.41 34.44 2.36
CA ASN A 269 17.27 35.28 2.74
C ASN A 269 17.60 36.77 2.63
N LYS A 270 18.55 37.25 3.41
CA LYS A 270 18.85 38.67 3.51
C LYS A 270 20.04 39.01 2.62
N LYS A 271 19.95 40.14 1.93
CA LYS A 271 21.06 40.63 1.11
C LYS A 271 21.47 42.06 1.43
N ASP A 272 20.51 42.95 1.69
CA ASP A 272 20.86 44.33 2.01
C ASP A 272 21.50 44.44 3.38
N LEU A 273 20.93 43.76 4.38
CA LEU A 273 21.55 43.73 5.70
C LEU A 273 22.92 43.06 5.63
N PHE A 274 23.08 42.05 4.78
CA PHE A 274 24.37 41.42 4.59
C PHE A 274 25.38 42.40 4.01
N GLU A 275 24.95 43.20 3.03
CA GLU A 275 25.84 44.22 2.47
C GLU A 275 26.25 45.24 3.53
N GLU A 276 25.28 45.70 4.32
CA GLU A 276 25.62 46.65 5.39
C GLU A 276 26.58 46.04 6.39
N LYS A 277 26.41 44.75 6.71
CA LYS A 277 27.28 44.10 7.69
C LYS A 277 28.68 43.92 7.15
N ILE A 278 28.82 43.52 5.89
CA ILE A 278 30.17 43.39 5.33
C ILE A 278 30.78 44.77 5.11
N LYS A 279 29.96 45.82 5.04
CA LYS A 279 30.50 47.16 4.93
C LYS A 279 31.06 47.64 6.26
N LYS A 280 30.31 47.46 7.35
CA LYS A 280 30.78 47.95 8.64
C LYS A 280 31.68 46.94 9.35
N SER A 281 31.47 45.65 9.10
CA SER A 281 32.26 44.60 9.74
C SER A 281 32.96 43.75 8.68
N PRO A 282 34.25 43.45 8.85
CA PRO A 282 34.94 42.60 7.87
C PRO A 282 34.39 41.18 7.89
N LEU A 283 34.61 40.48 6.78
CA LEU A 283 34.15 39.10 6.66
C LEU A 283 35.11 38.10 7.30
N THR A 284 36.35 38.51 7.56
CA THR A 284 37.36 37.60 8.09
C THR A 284 37.08 37.15 9.51
N ILE A 285 36.10 37.75 10.20
CA ILE A 285 35.79 37.32 11.57
C ILE A 285 35.13 35.94 11.56
N CYS A 286 34.25 35.70 10.60
CA CYS A 286 33.58 34.41 10.50
C CYS A 286 34.43 33.39 9.75
N TYR A 287 34.93 33.75 8.57
CA TYR A 287 35.76 32.85 7.77
C TYR A 287 37.22 33.04 8.15
N PRO A 288 37.95 31.98 8.53
CA PRO A 288 39.34 32.15 8.95
C PRO A 288 40.28 32.51 7.83
N GLU A 289 40.02 32.08 6.60
CA GLU A 289 40.87 32.37 5.45
C GLU A 289 40.07 33.13 4.41
N TYR A 290 40.65 34.21 3.87
CA TYR A 290 40.00 35.00 2.84
C TYR A 290 41.05 35.89 2.19
N ALA A 291 41.12 35.85 0.86
CA ALA A 291 42.10 36.63 0.11
C ALA A 291 41.50 37.79 -0.67
N GLY A 292 40.20 37.76 -0.94
CA GLY A 292 39.56 38.83 -1.69
C GLY A 292 39.33 40.07 -0.84
N SER A 293 38.64 41.03 -1.45
CA SER A 293 38.31 42.28 -0.79
C SER A 293 36.91 42.20 -0.17
N ASN A 294 36.53 43.27 0.52
CA ASN A 294 35.23 43.34 1.18
C ASN A 294 34.19 43.88 0.20
N THR A 295 33.85 43.04 -0.77
CA THR A 295 32.86 43.36 -1.79
C THR A 295 31.77 42.31 -1.79
N TYR A 296 30.51 42.75 -1.87
CA TYR A 296 29.39 41.83 -1.84
C TYR A 296 29.36 40.92 -3.06
N GLU A 297 29.76 41.44 -4.22
CA GLU A 297 29.70 40.65 -5.46
C GLU A 297 30.55 39.40 -5.36
N GLU A 298 31.73 39.50 -4.73
CA GLU A 298 32.58 38.34 -4.55
C GLU A 298 32.29 37.58 -3.27
N ALA A 299 31.78 38.27 -2.24
CA ALA A 299 31.45 37.58 -0.99
C ALA A 299 30.29 36.60 -1.19
N ALA A 300 29.28 37.02 -1.96
CA ALA A 300 28.17 36.11 -2.24
C ALA A 300 28.64 34.89 -3.04
N ALA A 301 29.53 35.11 -4.01
CA ALA A 301 30.06 34.00 -4.78
C ALA A 301 30.88 33.06 -3.91
N TYR A 302 31.66 33.61 -2.97
CA TYR A 302 32.42 32.77 -2.05
C TYR A 302 31.50 31.94 -1.17
N ILE A 303 30.44 32.56 -0.64
CA ILE A 303 29.50 31.82 0.20
C ILE A 303 28.82 30.73 -0.59
N GLN A 304 28.43 31.02 -1.83
CA GLN A 304 27.77 30.01 -2.66
C GLN A 304 28.71 28.86 -2.98
N CYS A 305 29.98 29.17 -3.28
CA CYS A 305 30.94 28.11 -3.59
C CYS A 305 31.26 27.27 -2.36
N GLN A 306 31.24 27.89 -1.18
CA GLN A 306 31.45 27.14 0.06
C GLN A 306 30.27 26.22 0.35
N PHE A 307 29.05 26.71 0.13
CA PHE A 307 27.87 25.89 0.41
C PHE A 307 27.73 24.75 -0.60
N GLU A 308 28.07 25.00 -1.86
CA GLU A 308 28.02 23.95 -2.85
C GLU A 308 29.14 22.93 -2.69
N ASP A 309 30.16 23.24 -1.90
CA ASP A 309 31.26 22.31 -1.71
C ASP A 309 30.85 21.16 -0.80
N LEU A 310 29.99 21.43 0.19
CA LEU A 310 29.54 20.39 1.12
C LEU A 310 28.45 19.53 0.46
N ASN A 311 28.86 18.82 -0.60
CA ASN A 311 27.96 17.98 -1.37
C ASN A 311 28.78 16.80 -1.90
N LYS A 312 28.73 15.68 -1.17
CA LYS A 312 29.50 14.51 -1.58
C LYS A 312 28.88 13.83 -2.81
N ARG A 313 27.56 13.63 -2.79
CA ARG A 313 26.86 13.02 -3.92
C ARG A 313 26.74 14.05 -5.03
N LYS A 314 27.81 14.17 -5.81
CA LYS A 314 27.87 15.14 -6.89
C LYS A 314 27.40 14.59 -8.23
N ASP A 315 26.97 13.33 -8.28
CA ASP A 315 26.56 12.71 -9.52
C ASP A 315 25.08 12.35 -9.54
N THR A 316 24.41 12.36 -8.39
CA THR A 316 23.00 11.98 -8.32
C THR A 316 22.09 13.13 -7.89
N LYS A 317 22.63 14.25 -7.42
CA LYS A 317 21.81 15.38 -7.01
C LYS A 317 22.51 16.67 -7.39
N GLU A 318 21.73 17.73 -7.51
CA GLU A 318 22.23 19.05 -7.87
C GLU A 318 21.64 20.09 -6.94
N ILE A 319 22.31 21.23 -6.83
CA ILE A 319 21.92 22.30 -5.93
C ILE A 319 21.62 23.54 -6.76
N TYR A 320 20.40 24.06 -6.64
CA TYR A 320 20.00 25.29 -7.30
C TYR A 320 20.00 26.41 -6.27
N THR A 321 20.84 27.41 -6.47
CA THR A 321 20.96 28.53 -5.55
C THR A 321 20.20 29.74 -6.06
N HIS A 322 19.73 30.57 -5.13
CA HIS A 322 18.99 31.78 -5.46
C HIS A 322 19.09 32.75 -4.29
N PHE A 323 18.94 34.03 -4.60
CA PHE A 323 18.99 35.09 -3.61
C PHE A 323 17.59 35.68 -3.46
N THR A 324 17.07 35.66 -2.24
CA THR A 324 15.72 36.15 -1.99
C THR A 324 15.64 37.66 -2.18
N CYS A 325 14.72 38.11 -3.03
CA CYS A 325 14.50 39.51 -3.33
C CYS A 325 13.12 39.94 -2.86
N ALA A 326 12.83 41.22 -3.03
CA ALA A 326 11.55 41.77 -2.57
C ALA A 326 10.38 41.34 -3.44
N THR A 327 10.64 40.81 -4.62
CA THR A 327 9.58 40.43 -5.56
C THR A 327 9.21 38.96 -5.32
N ASP A 328 7.95 38.70 -4.99
CA ASP A 328 7.49 37.32 -4.80
C ASP A 328 7.41 36.57 -6.12
N THR A 329 7.12 37.28 -7.22
CA THR A 329 6.98 36.62 -8.51
C THR A 329 8.27 35.91 -8.90
N LYS A 330 9.43 36.54 -8.64
CA LYS A 330 10.70 35.92 -8.99
C LYS A 330 10.94 34.65 -8.18
N ASN A 331 10.60 34.68 -6.88
CA ASN A 331 10.79 33.50 -6.06
C ASN A 331 9.89 32.35 -6.50
N VAL A 332 8.62 32.65 -6.77
CA VAL A 332 7.70 31.60 -7.23
C VAL A 332 8.15 31.06 -8.58
N GLN A 333 8.62 31.93 -9.47
CA GLN A 333 9.10 31.49 -10.76
C GLN A 333 10.33 30.60 -10.63
N PHE A 334 11.23 30.93 -9.70
CA PHE A 334 12.41 30.10 -9.49
C PHE A 334 12.03 28.73 -8.94
N VAL A 335 11.09 28.70 -7.98
CA VAL A 335 10.64 27.40 -7.46
C VAL A 335 10.01 26.57 -8.56
N PHE A 336 9.18 27.20 -9.40
CA PHE A 336 8.54 26.48 -10.50
C PHE A 336 9.58 25.96 -11.49
N ASP A 337 10.59 26.77 -11.79
CA ASP A 337 11.62 26.34 -12.73
C ASP A 337 12.42 25.16 -12.19
N ALA A 338 12.78 25.21 -10.90
CA ALA A 338 13.51 24.10 -10.32
C ALA A 338 12.67 22.84 -10.30
N VAL A 339 11.38 22.96 -9.98
CA VAL A 339 10.51 21.78 -9.97
C VAL A 339 10.36 21.21 -11.37
N THR A 340 10.24 22.07 -12.39
CA THR A 340 10.12 21.59 -13.75
C THR A 340 11.39 20.89 -14.21
N ASP A 341 12.56 21.43 -13.82
CA ASP A 341 13.82 20.78 -14.16
C ASP A 341 13.93 19.42 -13.51
N VAL A 342 13.54 19.32 -12.23
CA VAL A 342 13.57 18.02 -11.55
C VAL A 342 12.63 17.04 -12.22
N ILE A 343 11.45 17.51 -12.64
CA ILE A 343 10.49 16.64 -13.29
C ILE A 343 11.04 16.13 -14.62
N ILE A 344 11.68 17.02 -15.39
CA ILE A 344 12.24 16.60 -16.67
C ILE A 344 13.35 15.58 -16.46
N LYS A 345 14.22 15.82 -15.48
CA LYS A 345 15.29 14.86 -15.20
C LYS A 345 14.72 13.52 -14.77
N ASN A 346 13.69 13.53 -13.93
CA ASN A 346 13.07 12.27 -13.49
C ASN A 346 12.42 11.53 -14.65
N ASN A 347 11.77 12.26 -15.56
CA ASN A 347 11.15 11.61 -16.72
C ASN A 347 12.21 11.03 -17.65
N LEU A 348 13.34 11.73 -17.80
CA LEU A 348 14.41 11.21 -18.64
C LEU A 348 15.02 9.96 -18.03
N LYS A 349 15.20 9.96 -16.71
CA LYS A 349 15.74 8.78 -16.04
C LYS A 349 14.71 7.66 -15.90
N ASP A 350 13.43 7.94 -16.15
CA ASP A 350 12.39 6.92 -15.99
C ASP A 350 12.48 5.86 -17.08
N CYS A 351 12.55 6.28 -18.34
CA CYS A 351 12.57 5.36 -19.47
C CYS A 351 13.97 4.91 -19.84
N GLY A 352 14.97 5.22 -19.01
CA GLY A 352 16.34 4.83 -19.28
C GLY A 352 16.89 5.42 -20.57
N LEU A 353 16.60 6.70 -20.80
CA LEU A 353 17.06 7.38 -22.00
C LEU A 353 18.44 8.00 -21.85
N PHE A 354 18.89 8.25 -20.62
CA PHE A 354 20.21 8.81 -20.40
C PHE A 354 20.87 8.17 -19.18
N GLY B 17 28.35 23.98 46.37
CA GLY B 17 28.45 23.08 45.24
C GLY B 17 28.67 21.63 45.69
N SER B 18 28.85 21.46 47.00
CA SER B 18 29.10 20.12 47.54
C SER B 18 27.84 19.27 47.57
N GLU B 19 26.67 19.91 47.54
CA GLU B 19 25.41 19.14 47.62
C GLU B 19 25.23 18.25 46.40
N LEU B 20 25.53 18.77 45.20
CA LEU B 20 25.40 17.95 44.01
C LEU B 20 26.41 16.80 44.03
N ASP B 21 27.62 17.05 44.55
CA ASP B 21 28.61 15.99 44.65
C ASP B 21 28.17 14.89 45.60
N GLN B 22 27.65 15.26 46.78
CA GLN B 22 27.25 14.24 47.74
C GLN B 22 26.03 13.47 47.25
N LEU B 23 25.08 14.15 46.58
CA LEU B 23 23.95 13.43 46.02
C LEU B 23 24.40 12.52 44.88
N ARG B 24 25.41 12.93 44.11
CA ARG B 24 25.89 12.09 43.02
C ARG B 24 26.57 10.85 43.53
N GLN B 25 27.42 10.98 44.56
CA GLN B 25 28.04 9.78 45.12
C GLN B 25 27.02 8.91 45.84
N GLU B 26 25.98 9.51 46.42
CA GLU B 26 24.90 8.73 47.00
C GLU B 26 24.20 7.89 45.94
N ALA B 27 23.85 8.51 44.81
CA ALA B 27 23.23 7.76 43.71
C ALA B 27 24.18 6.69 43.17
N GLU B 28 25.48 6.99 43.13
CA GLU B 28 26.44 6.02 42.61
C GLU B 28 26.54 4.80 43.52
N GLN B 29 26.59 5.02 44.84
CA GLN B 29 26.64 3.88 45.75
C GLN B 29 25.31 3.15 45.82
N LEU B 30 24.20 3.85 45.59
CA LEU B 30 22.91 3.17 45.44
C LEU B 30 22.92 2.24 44.23
N LYS B 31 23.42 2.73 43.09
CA LYS B 31 23.53 1.89 41.90
C LYS B 31 24.47 0.71 42.14
N ASN B 32 25.55 0.95 42.90
CA ASN B 32 26.46 -0.14 43.23
C ASN B 32 25.77 -1.21 44.07
N GLN B 33 25.00 -0.80 45.08
CA GLN B 33 24.27 -1.76 45.89
C GLN B 33 23.24 -2.51 45.05
N ILE B 34 22.57 -1.81 44.14
CA ILE B 34 21.58 -2.46 43.27
C ILE B 34 22.23 -3.51 42.40
N ARG B 35 23.35 -3.18 41.76
CA ARG B 35 24.00 -4.16 40.89
C ARG B 35 24.60 -5.31 41.69
N ASP B 36 25.05 -5.05 42.92
CA ASP B 36 25.55 -6.12 43.77
C ASP B 36 24.43 -7.09 44.13
N ALA B 37 23.27 -6.56 44.53
CA ALA B 37 22.14 -7.42 44.86
C ALA B 37 21.64 -8.15 43.62
N ARG B 38 21.76 -7.53 42.45
CA ARG B 38 21.34 -8.18 41.21
C ARG B 38 22.28 -9.32 40.85
N LYS B 39 23.58 -9.14 41.08
CA LYS B 39 24.54 -10.19 40.74
C LYS B 39 24.50 -11.33 41.75
N ALA B 40 24.30 -11.02 43.04
CA ALA B 40 24.33 -12.07 44.05
C ALA B 40 23.13 -13.00 43.96
N CYS B 41 22.04 -12.54 43.35
CA CYS B 41 20.80 -13.32 43.28
C CYS B 41 20.82 -14.38 42.18
N ALA B 42 21.60 -14.18 41.13
CA ALA B 42 21.63 -15.09 39.99
C ALA B 42 22.64 -16.21 40.22
N ASP B 43 22.24 -17.43 39.88
CA ASP B 43 23.10 -18.60 40.04
C ASP B 43 23.54 -19.21 38.72
N ALA B 44 22.62 -19.36 37.76
CA ALA B 44 22.95 -19.94 36.47
C ALA B 44 22.00 -19.41 35.42
N THR B 45 22.42 -19.49 34.16
CA THR B 45 21.60 -19.00 33.06
C THR B 45 20.43 -19.95 32.80
N LEU B 46 19.45 -19.45 32.04
CA LEU B 46 18.29 -20.27 31.70
C LEU B 46 18.65 -21.34 30.67
N SER B 47 19.60 -21.05 29.79
CA SER B 47 19.98 -22.02 28.76
C SER B 47 20.61 -23.26 29.38
N GLN B 48 21.28 -23.12 30.52
CA GLN B 48 21.89 -24.28 31.17
C GLN B 48 20.82 -25.20 31.76
N ILE B 49 19.74 -24.61 32.30
CA ILE B 49 18.69 -25.41 32.90
C ILE B 49 17.89 -26.13 31.82
N THR B 50 17.55 -25.43 30.74
CA THR B 50 16.78 -26.01 29.65
C THR B 50 17.68 -26.73 28.64
N ASN B 51 18.46 -27.68 29.13
CA ASN B 51 19.37 -28.46 28.28
C ASN B 51 18.89 -29.89 28.10
N ASN B 52 17.71 -30.24 28.61
CA ASN B 52 17.15 -31.58 28.51
C ASN B 52 15.76 -31.53 27.91
N ILE B 53 15.57 -30.71 26.89
CA ILE B 53 14.29 -30.56 26.22
C ILE B 53 14.49 -30.76 24.73
N ASP B 54 13.48 -31.38 24.10
CA ASP B 54 13.56 -31.66 22.67
C ASP B 54 13.14 -30.42 21.88
N PRO B 55 14.03 -29.84 21.09
CA PRO B 55 13.67 -28.62 20.35
C PRO B 55 12.74 -28.93 19.19
N VAL B 56 12.07 -27.87 18.72
CA VAL B 56 11.19 -28.00 17.57
C VAL B 56 12.02 -28.28 16.32
N GLY B 57 11.48 -29.10 15.43
CA GLY B 57 12.19 -29.49 14.24
C GLY B 57 12.36 -28.37 13.24
N ARG B 58 11.26 -27.92 12.63
CA ARG B 58 11.30 -26.86 11.63
C ARG B 58 9.91 -26.26 11.50
N ILE B 59 9.83 -24.94 11.57
CA ILE B 59 8.57 -24.22 11.49
C ILE B 59 8.43 -23.78 10.03
N GLN B 60 7.75 -24.61 9.23
CA GLN B 60 7.50 -24.33 7.82
C GLN B 60 6.10 -23.75 7.69
N MET B 61 6.01 -22.44 7.53
CA MET B 61 4.75 -21.73 7.42
C MET B 61 4.65 -21.09 6.04
N ARG B 62 3.53 -21.34 5.35
CA ARG B 62 3.31 -20.83 4.01
C ARG B 62 2.21 -19.77 4.04
N THR B 63 2.33 -18.80 3.15
CA THR B 63 1.35 -17.73 3.08
C THR B 63 -0.01 -18.28 2.66
N ARG B 64 -1.07 -17.68 3.19
CA ARG B 64 -2.44 -18.07 2.88
C ARG B 64 -3.20 -16.99 2.14
N ARG B 65 -3.25 -15.78 2.67
CA ARG B 65 -3.93 -14.66 2.05
C ARG B 65 -2.93 -13.55 1.77
N THR B 66 -3.30 -12.65 0.86
CA THR B 66 -2.48 -11.49 0.52
C THR B 66 -3.41 -10.27 0.48
N LEU B 67 -3.40 -9.48 1.55
CA LEU B 67 -4.24 -8.30 1.65
C LEU B 67 -3.56 -7.14 0.92
N ARG B 68 -4.13 -6.74 -0.22
CA ARG B 68 -3.58 -5.68 -1.03
C ARG B 68 -4.61 -4.58 -1.21
N GLY B 69 -4.13 -3.38 -1.51
CA GLY B 69 -5.01 -2.23 -1.68
C GLY B 69 -4.43 -0.92 -1.20
N HIS B 70 -3.36 -0.99 -0.40
CA HIS B 70 -2.69 0.22 0.06
C HIS B 70 -1.78 0.77 -1.04
N LEU B 71 -1.49 2.07 -0.94
CA LEU B 71 -0.69 2.77 -1.94
C LEU B 71 0.51 3.47 -1.34
N ALA B 72 0.97 3.05 -0.16
CA ALA B 72 2.11 3.68 0.49
C ALA B 72 2.65 2.71 1.54
N LYS B 73 3.63 3.19 2.31
CA LYS B 73 4.22 2.38 3.36
C LYS B 73 3.18 2.08 4.44
N ILE B 74 3.43 1.03 5.22
CA ILE B 74 2.56 0.59 6.29
C ILE B 74 3.33 0.66 7.60
N TYR B 75 2.73 1.27 8.62
CA TYR B 75 3.42 1.54 9.87
C TYR B 75 2.79 0.89 11.10
N ALA B 76 1.57 0.38 11.00
CA ALA B 76 0.90 -0.18 12.17
C ALA B 76 -0.11 -1.23 11.75
N MET B 77 -0.46 -2.09 12.70
CA MET B 77 -1.45 -3.14 12.49
C MET B 77 -1.83 -3.73 13.84
N HIS B 78 -3.12 -3.96 14.05
CA HIS B 78 -3.61 -4.56 15.28
C HIS B 78 -4.72 -5.55 14.97
N TRP B 79 -4.78 -6.62 15.75
CA TRP B 79 -5.77 -7.67 15.59
C TRP B 79 -6.94 -7.43 16.53
N GLY B 80 -8.15 -7.62 16.03
CA GLY B 80 -9.33 -7.49 16.86
C GLY B 80 -9.43 -8.63 17.86
N THR B 81 -10.33 -8.45 18.83
CA THR B 81 -10.52 -9.48 19.85
C THR B 81 -11.17 -10.73 19.25
N ASP B 82 -11.98 -10.57 18.22
CA ASP B 82 -12.63 -11.70 17.57
C ASP B 82 -11.68 -12.52 16.71
N SER B 83 -10.41 -12.10 16.58
CA SER B 83 -9.42 -12.78 15.76
C SER B 83 -9.87 -12.90 14.31
N ARG B 84 -10.69 -11.96 13.85
CA ARG B 84 -11.20 -12.00 12.49
C ARG B 84 -10.93 -10.68 11.76
N LEU B 85 -11.00 -9.56 12.47
CA LEU B 85 -10.85 -8.24 11.88
C LEU B 85 -9.52 -7.62 12.30
N LEU B 86 -8.89 -6.92 11.37
CA LEU B 86 -7.63 -6.22 11.65
C LEU B 86 -7.66 -4.86 10.97
N VAL B 87 -6.93 -3.91 11.55
CA VAL B 87 -6.89 -2.53 11.07
C VAL B 87 -5.44 -2.18 10.77
N SER B 88 -5.22 -1.44 9.68
CA SER B 88 -3.89 -1.04 9.27
C SER B 88 -3.91 0.42 8.80
N ALA B 89 -2.79 1.11 9.00
CA ALA B 89 -2.65 2.51 8.63
C ALA B 89 -1.49 2.67 7.66
N SER B 90 -1.60 3.66 6.78
CA SER B 90 -0.58 3.93 5.78
C SER B 90 -0.39 5.44 5.65
N GLN B 91 0.71 5.82 5.00
CA GLN B 91 1.00 7.23 4.79
C GLN B 91 0.05 7.87 3.77
N ASP B 92 -0.72 7.07 3.04
CA ASP B 92 -1.71 7.62 2.11
C ASP B 92 -2.80 8.38 2.84
N GLY B 93 -3.07 8.04 4.10
CA GLY B 93 -4.10 8.68 4.87
C GLY B 93 -5.35 7.87 5.08
N LYS B 94 -5.27 6.54 5.00
CA LYS B 94 -6.42 5.67 5.14
C LYS B 94 -6.23 4.75 6.34
N LEU B 95 -7.36 4.27 6.86
CA LEU B 95 -7.40 3.38 8.03
C LEU B 95 -8.24 2.14 7.72
N ILE B 96 -7.92 1.51 6.58
CA ILE B 96 -8.73 0.40 6.09
C ILE B 96 -8.84 -0.70 7.14
N ILE B 97 -10.04 -1.25 7.27
CA ILE B 97 -10.31 -2.36 8.18
C ILE B 97 -10.57 -3.60 7.32
N TRP B 98 -9.67 -4.56 7.39
CA TRP B 98 -9.72 -5.74 6.55
C TRP B 98 -10.49 -6.87 7.23
N ASP B 99 -10.94 -7.83 6.43
CA ASP B 99 -11.49 -9.08 6.91
C ASP B 99 -10.51 -10.18 6.58
N SER B 100 -10.04 -10.89 7.60
CA SER B 100 -8.96 -11.85 7.40
C SER B 100 -9.43 -13.08 6.62
N TYR B 101 -10.67 -13.52 6.85
CA TYR B 101 -11.12 -14.76 6.26
C TYR B 101 -11.44 -14.59 4.77
N THR B 102 -12.19 -13.55 4.42
CA THR B 102 -12.74 -13.40 3.08
C THR B 102 -11.97 -12.39 2.23
N THR B 103 -11.11 -11.57 2.84
CA THR B 103 -10.23 -10.58 2.22
C THR B 103 -10.96 -9.33 1.76
N ASN B 104 -12.29 -9.26 1.89
CA ASN B 104 -13.00 -8.05 1.53
C ASN B 104 -12.75 -6.96 2.56
N LYS B 105 -13.02 -5.71 2.17
CA LYS B 105 -12.85 -4.57 3.04
C LYS B 105 -14.17 -4.20 3.69
N VAL B 106 -14.09 -3.57 4.86
CA VAL B 106 -15.27 -3.17 5.61
C VAL B 106 -15.39 -1.66 5.75
N HIS B 107 -14.28 -0.92 5.81
CA HIS B 107 -14.32 0.51 5.99
C HIS B 107 -13.10 1.14 5.35
N ALA B 108 -13.21 2.44 5.04
CA ALA B 108 -12.15 3.22 4.43
C ALA B 108 -12.02 4.57 5.13
N ILE B 109 -11.92 4.53 6.46
CA ILE B 109 -11.87 5.74 7.27
C ILE B 109 -10.74 6.64 6.79
N PRO B 110 -11.02 7.87 6.37
CA PRO B 110 -9.95 8.79 5.98
C PRO B 110 -9.37 9.49 7.21
N LEU B 111 -8.29 10.24 6.96
CA LEU B 111 -7.57 10.93 8.02
C LEU B 111 -7.40 12.39 7.67
N ARG B 112 -7.25 13.23 8.70
CA ARG B 112 -7.02 14.65 8.48
C ARG B 112 -5.59 14.90 8.01
N SER B 113 -4.61 14.42 8.77
CA SER B 113 -3.20 14.56 8.44
C SER B 113 -2.65 13.21 8.04
N SER B 114 -2.10 13.13 6.83
CA SER B 114 -1.59 11.87 6.28
C SER B 114 -0.20 11.54 6.81
N TRP B 115 -0.05 11.56 8.13
CA TRP B 115 1.19 11.16 8.80
C TRP B 115 0.76 10.39 10.05
N VAL B 116 0.72 9.07 9.94
CA VAL B 116 0.30 8.21 11.04
C VAL B 116 1.38 7.16 11.29
N MET B 117 1.56 6.77 12.55
CA MET B 117 2.56 5.80 12.93
C MET B 117 2.10 4.81 13.98
N THR B 118 0.81 4.75 14.29
CA THR B 118 0.31 3.82 15.30
C THR B 118 -1.16 3.54 15.06
N CYS B 119 -1.62 2.42 15.63
CA CYS B 119 -3.01 2.02 15.54
C CYS B 119 -3.38 1.19 16.76
N ALA B 120 -4.68 1.05 16.97
CA ALA B 120 -5.19 0.27 18.09
C ALA B 120 -6.62 -0.17 17.78
N TYR B 121 -7.05 -1.23 18.45
CA TYR B 121 -8.40 -1.76 18.29
C TYR B 121 -9.01 -1.99 19.66
N ALA B 122 -10.27 -1.60 19.81
CA ALA B 122 -10.93 -1.73 21.10
C ALA B 122 -11.16 -3.20 21.44
N PRO B 123 -11.10 -3.57 22.73
CA PRO B 123 -11.38 -4.97 23.09
C PRO B 123 -12.81 -5.38 22.79
N SER B 124 -13.74 -4.43 22.74
CA SER B 124 -15.13 -4.71 22.40
C SER B 124 -15.42 -4.51 20.92
N GLY B 125 -14.45 -4.01 20.14
CA GLY B 125 -14.65 -3.81 18.73
C GLY B 125 -15.44 -2.57 18.37
N ASN B 126 -15.47 -1.56 19.24
CA ASN B 126 -16.25 -0.36 18.99
C ASN B 126 -15.41 0.78 18.43
N TYR B 127 -14.29 1.10 19.05
CA TYR B 127 -13.50 2.26 18.68
C TYR B 127 -12.19 1.84 18.03
N VAL B 128 -11.65 2.74 17.22
CA VAL B 128 -10.34 2.58 16.60
C VAL B 128 -9.63 3.93 16.60
N ALA B 129 -8.40 3.95 17.09
CA ALA B 129 -7.64 5.18 17.25
C ALA B 129 -6.33 5.11 16.48
N CYS B 130 -5.79 6.29 16.16
CA CYS B 130 -4.52 6.37 15.46
C CYS B 130 -3.91 7.75 15.68
N GLY B 131 -2.67 7.77 16.15
CA GLY B 131 -1.94 9.00 16.38
C GLY B 131 -1.27 9.52 15.14
N GLY B 132 -0.02 9.93 15.28
CA GLY B 132 0.77 10.35 14.13
C GLY B 132 1.78 11.41 14.51
N LEU B 133 2.31 12.05 13.48
CA LEU B 133 3.32 13.09 13.64
C LEU B 133 2.75 14.43 14.06
N ASP B 134 1.42 14.61 13.98
CA ASP B 134 0.77 15.85 14.37
C ASP B 134 0.44 15.91 15.86
N ASN B 135 1.10 15.06 16.66
CA ASN B 135 0.90 14.95 18.11
C ASN B 135 -0.56 15.10 18.54
N ILE B 136 -1.45 14.40 17.86
CA ILE B 136 -2.88 14.41 18.17
C ILE B 136 -3.42 13.00 17.99
N CYS B 137 -4.00 12.46 19.06
CA CYS B 137 -4.60 11.13 19.03
C CYS B 137 -6.10 11.25 18.82
N SER B 138 -6.56 10.86 17.63
CA SER B 138 -7.98 10.95 17.27
C SER B 138 -8.61 9.57 17.39
N ILE B 139 -9.83 9.52 17.90
CA ILE B 139 -10.55 8.28 18.13
C ILE B 139 -11.82 8.28 17.30
N TYR B 140 -12.02 7.23 16.53
CA TYR B 140 -13.15 7.10 15.62
C TYR B 140 -14.22 6.18 16.22
N ASN B 141 -15.46 6.41 15.82
CA ASN B 141 -16.59 5.61 16.27
C ASN B 141 -17.08 4.75 15.13
N LEU B 142 -17.25 3.45 15.38
CA LEU B 142 -17.65 2.50 14.35
C LEU B 142 -19.08 2.00 14.49
N LYS B 143 -19.74 2.27 15.61
CA LYS B 143 -21.08 1.77 15.86
C LYS B 143 -22.08 2.92 15.96
N THR B 144 -21.95 3.90 15.06
CA THR B 144 -22.86 5.04 15.06
C THR B 144 -24.18 4.66 14.41
N ARG B 145 -25.15 5.59 14.50
CA ARG B 145 -26.47 5.32 13.94
C ARG B 145 -26.44 5.36 12.42
N GLU B 146 -25.72 6.32 11.84
CA GLU B 146 -25.62 6.43 10.39
C GLU B 146 -24.63 5.40 9.85
N GLY B 147 -24.31 5.52 8.56
CA GLY B 147 -23.40 4.62 7.90
C GLY B 147 -21.96 5.07 7.79
N ASN B 148 -21.64 6.27 8.27
CA ASN B 148 -20.30 6.82 8.16
C ASN B 148 -19.53 6.57 9.45
N VAL B 149 -18.33 7.15 9.53
CA VAL B 149 -17.45 7.03 10.69
C VAL B 149 -17.12 8.42 11.18
N ARG B 150 -17.51 8.71 12.43
CA ARG B 150 -17.33 10.04 13.02
C ARG B 150 -16.18 10.01 14.01
N VAL B 151 -15.66 11.21 14.30
CA VAL B 151 -14.57 11.38 15.25
C VAL B 151 -15.18 11.66 16.63
N SER B 152 -14.97 10.74 17.57
CA SER B 152 -15.56 10.90 18.89
C SER B 152 -14.82 11.95 19.71
N ARG B 153 -13.49 11.92 19.69
CA ARG B 153 -12.70 12.83 20.49
C ARG B 153 -11.33 13.00 19.85
N GLU B 154 -10.71 14.17 20.08
CA GLU B 154 -9.37 14.46 19.59
C GLU B 154 -8.53 14.93 20.78
N LEU B 155 -7.63 14.08 21.23
CA LEU B 155 -6.80 14.36 22.40
C LEU B 155 -5.52 15.05 21.96
N ALA B 156 -5.25 16.23 22.54
CA ALA B 156 -4.08 17.03 22.18
C ALA B 156 -3.52 17.66 23.46
N GLY B 157 -2.53 17.00 24.05
CA GLY B 157 -1.88 17.53 25.23
C GLY B 157 -0.39 17.24 25.25
N HIS B 158 0.14 16.72 24.15
CA HIS B 158 1.54 16.34 24.03
C HIS B 158 2.26 17.33 23.14
N THR B 159 3.57 17.49 23.39
CA THR B 159 4.41 18.35 22.55
C THR B 159 5.06 17.57 21.42
N GLY B 160 5.71 16.46 21.74
CA GLY B 160 6.34 15.64 20.72
C GLY B 160 5.36 14.72 20.02
N TYR B 161 5.86 14.05 18.99
CA TYR B 161 5.03 13.16 18.19
C TYR B 161 4.62 11.94 19.00
N LEU B 162 3.47 11.37 18.65
CA LEU B 162 3.00 10.14 19.29
C LEU B 162 3.55 8.93 18.56
N SER B 163 3.99 7.94 19.32
CA SER B 163 4.62 6.74 18.77
C SER B 163 3.74 5.50 18.81
N CYS B 164 3.08 5.23 19.93
CA CYS B 164 2.24 4.05 20.04
C CYS B 164 1.20 4.28 21.13
N CYS B 165 -0.03 3.81 20.86
CA CYS B 165 -1.14 3.97 21.78
C CYS B 165 -1.99 2.71 21.78
N ARG B 166 -2.34 2.24 22.98
CA ARG B 166 -3.15 1.05 23.15
C ARG B 166 -4.35 1.36 24.04
N PHE B 167 -5.46 0.69 23.77
CA PHE B 167 -6.68 0.85 24.57
C PHE B 167 -6.58 0.00 25.83
N LEU B 168 -6.51 0.66 26.98
CA LEU B 168 -6.54 -0.06 28.25
C LEU B 168 -7.95 -0.57 28.55
N ASP B 169 -8.96 0.16 28.12
CA ASP B 169 -10.36 -0.21 28.33
C ASP B 169 -11.19 0.48 27.26
N ASP B 170 -12.51 0.42 27.40
CA ASP B 170 -13.39 1.10 26.47
C ASP B 170 -13.51 2.58 26.75
N ASN B 171 -12.99 3.04 27.89
CA ASN B 171 -13.10 4.44 28.27
C ASN B 171 -11.75 5.09 28.61
N GLN B 172 -10.66 4.33 28.61
CA GLN B 172 -9.34 4.86 28.94
C GLN B 172 -8.34 4.42 27.89
N ILE B 173 -7.42 5.32 27.53
CA ILE B 173 -6.38 5.06 26.55
C ILE B 173 -5.05 5.55 27.11
N VAL B 174 -3.98 4.82 26.84
CA VAL B 174 -2.63 5.20 27.24
C VAL B 174 -1.82 5.46 25.97
N THR B 175 -1.06 6.56 25.98
CA THR B 175 -0.29 6.98 24.81
C THR B 175 1.17 7.16 25.19
N SER B 176 2.04 6.95 24.21
CA SER B 176 3.48 7.10 24.37
C SER B 176 3.96 8.19 23.44
N SER B 177 4.26 9.36 24.00
CA SER B 177 4.68 10.52 23.21
C SER B 177 6.19 10.52 23.04
N GLY B 178 6.67 11.42 22.18
CA GLY B 178 8.09 11.53 21.90
C GLY B 178 8.87 12.41 22.84
N ASP B 179 8.20 13.19 23.69
CA ASP B 179 8.90 14.10 24.60
C ASP B 179 9.15 13.45 25.96
N THR B 180 9.71 12.24 25.94
CA THR B 180 10.19 11.56 27.14
C THR B 180 9.13 11.49 28.24
N THR B 181 7.91 11.12 27.86
CA THR B 181 6.83 11.00 28.85
C THR B 181 5.72 10.11 28.29
N CYS B 182 4.92 9.57 29.21
CA CYS B 182 3.76 8.77 28.88
C CYS B 182 2.59 9.21 29.75
N ALA B 183 1.41 9.31 29.14
CA ALA B 183 0.24 9.84 29.82
C ALA B 183 -0.96 8.95 29.58
N LEU B 184 -1.85 8.93 30.57
CA LEU B 184 -3.10 8.17 30.51
C LEU B 184 -4.26 9.15 30.39
N TRP B 185 -5.10 8.95 29.38
CA TRP B 185 -6.17 9.89 29.05
C TRP B 185 -7.52 9.36 29.54
N ASP B 186 -8.52 10.23 29.41
CA ASP B 186 -9.91 9.90 29.70
C ASP B 186 -10.76 10.33 28.52
N ILE B 187 -11.62 9.44 28.05
CA ILE B 187 -12.35 9.71 26.81
C ILE B 187 -13.52 10.66 27.05
N GLU B 188 -14.27 10.44 28.14
CA GLU B 188 -15.45 11.27 28.38
C GLU B 188 -15.07 12.71 28.69
N THR B 189 -14.12 12.91 29.61
CA THR B 189 -13.72 14.27 29.96
C THR B 189 -12.84 14.89 28.88
N GLY B 190 -11.92 14.10 28.31
CA GLY B 190 -11.04 14.59 27.27
C GLY B 190 -9.69 15.07 27.73
N GLN B 191 -9.44 15.12 29.04
CA GLN B 191 -8.19 15.60 29.59
C GLN B 191 -7.43 14.44 30.23
N GLN B 192 -6.11 14.52 30.18
CA GLN B 192 -5.27 13.45 30.72
C GLN B 192 -5.40 13.37 32.24
N THR B 193 -5.41 12.15 32.77
CA THR B 193 -5.56 11.93 34.20
C THR B 193 -4.22 11.86 34.92
N THR B 194 -3.32 11.00 34.45
CA THR B 194 -2.02 10.80 35.08
C THR B 194 -0.93 10.81 34.02
N THR B 195 0.21 11.40 34.35
CA THR B 195 1.35 11.48 33.45
C THR B 195 2.55 10.79 34.09
N PHE B 196 3.20 9.92 33.32
CA PHE B 196 4.38 9.20 33.78
C PHE B 196 5.62 9.81 33.16
N THR B 197 6.59 10.17 34.00
CA THR B 197 7.83 10.78 33.52
C THR B 197 9.01 10.11 34.20
N GLY B 198 10.20 10.36 33.65
CA GLY B 198 11.42 9.79 34.19
C GLY B 198 12.38 9.34 33.11
N HIS B 199 11.88 9.10 31.91
CA HIS B 199 12.73 8.67 30.82
C HIS B 199 13.63 9.81 30.33
N THR B 200 14.79 9.45 29.82
CA THR B 200 15.76 10.41 29.29
C THR B 200 15.68 10.54 27.78
N GLY B 201 15.08 9.57 27.08
CA GLY B 201 15.01 9.60 25.64
C GLY B 201 13.56 9.48 25.16
N ASP B 202 13.44 9.40 23.84
CA ASP B 202 12.13 9.34 23.20
C ASP B 202 11.49 7.98 23.44
N VAL B 203 10.39 7.97 24.19
CA VAL B 203 9.64 6.74 24.40
C VAL B 203 8.90 6.38 23.12
N MET B 204 9.20 5.19 22.58
CA MET B 204 8.64 4.81 21.29
C MET B 204 8.15 3.36 21.25
N SER B 205 7.79 2.79 22.39
CA SER B 205 7.31 1.41 22.43
C SER B 205 6.68 1.13 23.78
N LEU B 206 5.51 0.51 23.78
CA LEU B 206 4.88 0.07 25.02
C LEU B 206 3.88 -1.03 24.71
N SER B 207 3.55 -1.81 25.72
CA SER B 207 2.54 -2.85 25.58
C SER B 207 1.89 -3.11 26.94
N LEU B 208 0.60 -3.45 26.89
CA LEU B 208 -0.21 -3.66 28.08
C LEU B 208 -0.14 -5.11 28.54
N ALA B 209 -0.21 -5.30 29.85
CA ALA B 209 -0.24 -6.64 30.40
C ALA B 209 -1.60 -7.29 30.11
N PRO B 210 -1.69 -8.63 30.18
CA PRO B 210 -2.99 -9.28 29.96
C PRO B 210 -4.05 -8.89 30.97
N ASP B 211 -3.67 -8.64 32.22
CA ASP B 211 -4.64 -8.24 33.23
C ASP B 211 -4.90 -6.74 33.24
N THR B 212 -4.20 -5.98 32.41
CA THR B 212 -4.39 -4.52 32.27
C THR B 212 -4.25 -3.83 33.63
N ARG B 213 -3.14 -4.11 34.31
CA ARG B 213 -2.84 -3.47 35.58
C ARG B 213 -1.45 -2.84 35.54
N LEU B 214 -0.55 -3.42 34.77
CA LEU B 214 0.80 -2.91 34.60
C LEU B 214 1.12 -2.79 33.12
N PHE B 215 2.11 -1.95 32.81
CA PHE B 215 2.57 -1.81 31.45
C PHE B 215 3.99 -1.25 31.47
N VAL B 216 4.78 -1.66 30.48
CA VAL B 216 6.18 -1.28 30.39
C VAL B 216 6.41 -0.51 29.09
N SER B 217 7.41 0.36 29.13
CA SER B 217 7.74 1.23 28.01
C SER B 217 9.23 1.15 27.71
N GLY B 218 9.57 1.24 26.43
CA GLY B 218 10.96 1.17 26.02
C GLY B 218 11.53 2.51 25.63
N ALA B 219 12.53 2.99 26.37
CA ALA B 219 13.13 4.29 26.11
C ALA B 219 13.96 4.24 24.83
N CYS B 220 14.61 5.36 24.52
CA CYS B 220 15.45 5.47 23.34
C CYS B 220 16.93 5.37 23.67
N ASP B 221 17.29 5.18 24.94
CA ASP B 221 18.69 5.01 25.33
C ASP B 221 18.80 3.77 26.22
N ALA B 222 18.86 2.60 25.59
CA ALA B 222 19.16 1.32 26.24
C ALA B 222 18.50 1.20 27.61
N SER B 223 17.20 1.42 27.65
CA SER B 223 16.49 1.42 28.92
C SER B 223 15.06 0.96 28.73
N ALA B 224 14.57 0.15 29.67
CA ALA B 224 13.19 -0.29 29.71
C ALA B 224 12.69 -0.19 31.14
N LYS B 225 11.52 0.43 31.31
CA LYS B 225 10.98 0.72 32.63
C LYS B 225 9.59 0.12 32.76
N LEU B 226 9.19 -0.15 34.00
CA LEU B 226 7.89 -0.73 34.31
C LEU B 226 7.05 0.30 35.06
N TRP B 227 5.81 0.49 34.61
CA TRP B 227 4.91 1.46 35.21
C TRP B 227 3.65 0.76 35.71
N ASP B 228 2.97 1.40 36.66
CA ASP B 228 1.69 0.96 37.17
C ASP B 228 0.65 2.04 36.92
N VAL B 229 -0.55 1.63 36.52
CA VAL B 229 -1.56 2.59 36.11
C VAL B 229 -2.25 3.21 37.33
N ARG B 230 -2.42 2.43 38.39
CA ARG B 230 -3.15 2.92 39.56
C ARG B 230 -2.30 3.90 40.35
N GLU B 231 -1.15 3.46 40.86
CA GLU B 231 -0.30 4.32 41.68
C GLU B 231 0.41 5.37 40.84
N GLY B 232 0.94 4.99 39.68
CA GLY B 232 1.51 5.95 38.76
C GLY B 232 2.93 6.40 39.06
N MET B 233 3.84 5.45 39.25
CA MET B 233 5.25 5.77 39.44
C MET B 233 6.10 4.60 38.96
N CYS B 234 7.36 4.89 38.66
CA CYS B 234 8.28 3.87 38.19
C CYS B 234 8.64 2.92 39.31
N ARG B 235 8.59 1.62 39.03
CA ARG B 235 8.90 0.59 40.03
C ARG B 235 10.27 -0.05 39.78
N GLN B 236 10.48 -0.59 38.58
CA GLN B 236 11.72 -1.26 38.24
C GLN B 236 12.21 -0.77 36.88
N THR B 237 13.52 -0.88 36.67
CA THR B 237 14.15 -0.53 35.41
C THR B 237 15.13 -1.63 35.01
N PHE B 238 15.27 -1.80 33.69
CA PHE B 238 16.15 -2.82 33.14
C PHE B 238 17.05 -2.20 32.09
N THR B 239 18.31 -2.63 32.07
CA THR B 239 19.30 -2.13 31.13
C THR B 239 20.12 -3.30 30.61
N GLY B 240 21.01 -3.00 29.67
CA GLY B 240 21.89 -4.01 29.10
C GLY B 240 22.12 -3.84 27.61
N HIS B 241 21.21 -3.13 26.94
CA HIS B 241 21.36 -2.91 25.51
C HIS B 241 22.43 -1.85 25.24
N GLU B 242 22.78 -1.69 23.97
CA GLU B 242 23.78 -0.72 23.55
C GLU B 242 23.16 0.47 22.82
N SER B 243 22.42 0.23 21.75
CA SER B 243 21.92 1.35 20.94
C SER B 243 20.63 1.93 21.52
N ASP B 244 19.56 1.13 21.53
CA ASP B 244 18.25 1.62 21.98
C ASP B 244 17.21 0.50 21.99
N ILE B 245 15.99 0.83 22.42
CA ILE B 245 14.86 -0.10 22.43
C ILE B 245 13.93 0.27 21.28
N ASN B 246 13.43 -0.74 20.57
CA ASN B 246 12.60 -0.51 19.40
C ASN B 246 11.30 -1.31 19.39
N ALA B 247 11.14 -2.30 20.25
CA ALA B 247 9.92 -3.10 20.31
C ALA B 247 9.80 -3.75 21.68
N ILE B 248 8.56 -3.88 22.15
CA ILE B 248 8.26 -4.44 23.46
C ILE B 248 7.03 -5.35 23.34
N CYS B 249 7.07 -6.48 24.03
CA CYS B 249 5.92 -7.38 24.10
C CYS B 249 6.03 -8.24 25.34
N PHE B 250 4.89 -8.54 25.98
CA PHE B 250 4.87 -9.38 27.16
C PHE B 250 4.81 -10.86 26.80
N PHE B 251 5.23 -11.68 27.75
CA PHE B 251 5.00 -13.12 27.68
C PHE B 251 3.50 -13.39 27.81
N PRO B 252 3.00 -14.44 27.17
CA PRO B 252 1.58 -14.78 27.33
C PRO B 252 1.17 -15.02 28.77
N ASN B 253 2.10 -15.46 29.62
CA ASN B 253 1.81 -15.61 31.04
C ASN B 253 1.57 -14.25 31.69
N GLY B 254 2.21 -13.20 31.16
CA GLY B 254 2.11 -11.88 31.74
C GLY B 254 3.14 -11.56 32.79
N ASN B 255 4.13 -12.44 32.99
CA ASN B 255 5.11 -12.29 34.05
C ASN B 255 6.52 -12.09 33.51
N ALA B 256 6.66 -11.82 32.22
CA ALA B 256 7.96 -11.55 31.61
C ALA B 256 7.72 -10.84 30.27
N PHE B 257 8.76 -10.19 29.77
CA PHE B 257 8.64 -9.46 28.52
C PHE B 257 9.98 -9.46 27.80
N ALA B 258 9.93 -9.59 26.48
CA ALA B 258 11.11 -9.61 25.63
C ALA B 258 11.13 -8.36 24.77
N THR B 259 12.29 -7.72 24.68
CA THR B 259 12.44 -6.43 24.02
C THR B 259 13.38 -6.56 22.81
N GLY B 260 13.12 -5.74 21.79
CA GLY B 260 14.00 -5.67 20.64
C GLY B 260 15.05 -4.58 20.81
N SER B 261 15.77 -4.33 19.73
CA SER B 261 16.81 -3.31 19.72
C SER B 261 17.18 -3.00 18.27
N ASP B 262 18.25 -2.24 18.10
CA ASP B 262 18.76 -1.89 16.78
C ASP B 262 20.01 -2.64 16.39
N ASP B 263 20.79 -3.13 17.36
CA ASP B 263 22.02 -3.85 17.06
C ASP B 263 21.79 -5.36 16.99
N ALA B 264 20.79 -5.77 16.20
CA ALA B 264 20.52 -7.18 15.91
C ALA B 264 20.52 -8.06 17.16
N THR B 265 19.86 -7.58 18.21
CA THR B 265 19.88 -8.30 19.47
C THR B 265 18.57 -8.04 20.22
N CYS B 266 17.82 -9.11 20.46
CA CYS B 266 16.62 -9.06 21.29
C CYS B 266 16.82 -9.95 22.50
N ARG B 267 16.40 -9.45 23.66
CA ARG B 267 16.66 -10.14 24.92
C ARG B 267 15.34 -10.34 25.67
N LEU B 268 15.38 -11.25 26.63
CA LEU B 268 14.23 -11.57 27.47
C LEU B 268 14.56 -11.27 28.92
N PHE B 269 13.66 -10.57 29.60
CA PHE B 269 13.85 -10.17 30.98
C PHE B 269 12.82 -10.83 31.88
N ASP B 270 13.00 -10.65 33.18
CA ASP B 270 12.09 -11.17 34.20
C ASP B 270 11.60 -10.03 35.08
N LEU B 271 10.35 -10.15 35.55
CA LEU B 271 9.76 -9.08 36.33
C LEU B 271 10.03 -9.24 37.82
N ARG B 272 9.95 -10.47 38.34
CA ARG B 272 10.18 -10.68 39.77
C ARG B 272 11.62 -10.33 40.14
N ALA B 273 12.58 -10.80 39.35
CA ALA B 273 13.99 -10.49 39.54
C ALA B 273 14.49 -9.76 38.31
N ASP B 274 15.04 -8.56 38.52
CA ASP B 274 15.54 -7.75 37.41
C ASP B 274 16.85 -8.32 36.87
N GLN B 275 16.76 -9.47 36.20
CA GLN B 275 17.93 -10.15 35.65
C GLN B 275 17.71 -10.38 34.16
N GLU B 276 18.81 -10.56 33.44
CA GLU B 276 18.74 -10.90 32.03
C GLU B 276 18.83 -12.42 31.87
N LEU B 277 17.90 -13.00 31.12
CA LEU B 277 17.79 -14.45 31.01
C LEU B 277 18.46 -14.99 29.76
N MET B 278 18.08 -14.51 28.58
CA MET B 278 18.62 -15.06 27.35
C MET B 278 18.75 -13.95 26.31
N THR B 279 19.73 -14.11 25.42
CA THR B 279 19.97 -13.19 24.32
C THR B 279 19.89 -13.94 23.00
N TYR B 280 19.08 -13.44 22.08
CA TYR B 280 18.87 -14.08 20.79
C TYR B 280 19.63 -13.26 19.74
N SER B 281 20.91 -13.59 19.56
CA SER B 281 21.78 -12.90 18.63
C SER B 281 22.46 -13.91 17.73
N HIS B 282 22.69 -13.51 16.48
CA HIS B 282 23.35 -14.35 15.49
C HIS B 282 24.45 -13.55 14.81
N ASP B 283 25.52 -14.26 14.42
CA ASP B 283 26.66 -13.61 13.80
C ASP B 283 26.44 -13.27 12.33
N ASN B 284 25.32 -13.68 11.75
CA ASN B 284 25.02 -13.43 10.35
C ASN B 284 24.08 -12.25 10.14
N ILE B 285 23.64 -11.61 11.21
CA ILE B 285 22.70 -10.50 11.14
C ILE B 285 23.35 -9.27 11.78
N ILE B 286 23.22 -8.12 11.10
CA ILE B 286 23.79 -6.88 11.59
C ILE B 286 22.73 -5.80 11.44
N CYS B 287 21.49 -6.22 11.19
CA CYS B 287 20.37 -5.33 10.92
C CYS B 287 19.51 -5.17 12.17
N GLY B 288 18.70 -4.11 12.17
CA GLY B 288 17.89 -3.77 13.32
C GLY B 288 16.72 -4.71 13.52
N ILE B 289 15.93 -4.41 14.54
CA ILE B 289 14.70 -5.13 14.85
C ILE B 289 13.57 -4.12 14.96
N THR B 290 12.45 -4.42 14.31
CA THR B 290 11.32 -3.48 14.25
C THR B 290 10.15 -3.91 15.12
N SER B 291 9.75 -5.17 15.06
CA SER B 291 8.61 -5.66 15.82
C SER B 291 8.94 -6.99 16.47
N VAL B 292 8.39 -7.22 17.66
CA VAL B 292 8.57 -8.45 18.40
C VAL B 292 7.23 -8.84 19.02
N SER B 293 6.83 -10.10 18.81
CA SER B 293 5.61 -10.62 19.40
C SER B 293 5.80 -12.10 19.70
N PHE B 294 5.18 -12.55 20.78
CA PHE B 294 5.29 -13.92 21.25
C PHE B 294 4.28 -14.81 20.52
N SER B 295 4.15 -16.05 20.99
CA SER B 295 3.21 -17.02 20.44
C SER B 295 2.06 -17.20 21.43
N LYS B 296 1.18 -18.16 21.11
CA LYS B 296 0.04 -18.41 21.98
C LYS B 296 0.46 -19.01 23.31
N SER B 297 1.43 -19.92 23.29
CA SER B 297 1.90 -20.60 24.51
C SER B 297 3.24 -20.09 24.98
N GLY B 298 3.76 -19.01 24.38
CA GLY B 298 5.04 -18.48 24.78
C GLY B 298 6.22 -19.36 24.43
N ARG B 299 6.20 -19.98 23.25
CA ARG B 299 7.28 -20.84 22.79
C ARG B 299 8.01 -20.31 21.57
N LEU B 300 7.33 -19.59 20.69
CA LEU B 300 7.93 -19.02 19.50
C LEU B 300 7.97 -17.50 19.63
N LEU B 301 9.17 -16.93 19.46
CA LEU B 301 9.38 -15.49 19.56
C LEU B 301 9.58 -14.93 18.16
N LEU B 302 8.48 -14.54 17.53
CA LEU B 302 8.56 -13.96 16.18
C LEU B 302 9.20 -12.59 16.25
N ALA B 303 10.13 -12.33 15.32
CA ALA B 303 10.81 -11.05 15.24
C ALA B 303 10.93 -10.63 13.78
N GLY B 304 10.65 -9.35 13.52
CA GLY B 304 10.74 -8.84 12.16
C GLY B 304 11.94 -7.94 11.95
N TYR B 305 12.96 -8.46 11.26
CA TYR B 305 14.16 -7.70 10.99
C TYR B 305 13.96 -6.79 9.78
N ASP B 306 14.78 -5.75 9.69
CA ASP B 306 14.70 -4.80 8.58
C ASP B 306 15.59 -5.20 7.40
N ASP B 307 15.94 -6.48 7.26
CA ASP B 307 16.67 -6.98 6.11
C ASP B 307 15.76 -7.76 5.17
N PHE B 308 14.51 -7.30 5.01
CA PHE B 308 13.52 -7.77 4.05
C PHE B 308 12.89 -9.11 4.42
N ASN B 309 13.17 -9.67 5.61
CA ASN B 309 12.56 -10.94 5.99
C ASN B 309 12.41 -11.00 7.50
N CYS B 310 11.64 -11.98 7.95
CA CYS B 310 11.31 -12.17 9.35
C CYS B 310 12.16 -13.29 9.96
N ASN B 311 11.84 -13.67 11.20
CA ASN B 311 12.52 -14.76 11.87
C ASN B 311 11.56 -15.41 12.85
N VAL B 312 11.84 -16.67 13.18
CA VAL B 312 10.95 -17.47 14.01
C VAL B 312 11.74 -17.93 15.25
N TRP B 313 12.61 -17.06 15.75
CA TRP B 313 13.48 -17.32 16.89
C TRP B 313 12.76 -18.10 18.00
N ASP B 314 13.35 -19.22 18.40
CA ASP B 314 12.81 -20.00 19.50
C ASP B 314 12.99 -19.25 20.81
N ALA B 315 12.04 -19.45 21.73
CA ALA B 315 12.04 -18.64 22.95
C ALA B 315 12.94 -19.25 24.03
N LEU B 316 13.03 -20.56 24.09
CA LEU B 316 13.75 -21.22 25.18
C LEU B 316 15.11 -21.78 24.77
N LYS B 317 15.40 -21.85 23.47
CA LYS B 317 16.64 -22.46 23.00
C LYS B 317 17.58 -21.49 22.30
N ALA B 318 17.12 -20.30 21.93
CA ALA B 318 17.96 -19.26 21.34
C ALA B 318 18.61 -19.72 20.04
N ASP B 319 17.90 -20.49 19.24
CA ASP B 319 18.37 -20.90 17.91
C ASP B 319 17.25 -20.67 16.91
N ARG B 320 17.62 -20.20 15.72
CA ARG B 320 16.64 -19.95 14.68
C ARG B 320 15.99 -21.27 14.24
N ALA B 321 14.68 -21.22 13.99
CA ALA B 321 13.94 -22.41 13.60
C ALA B 321 12.92 -22.10 12.50
N GLY B 322 13.21 -21.12 11.66
CA GLY B 322 12.31 -20.77 10.57
C GLY B 322 12.54 -19.38 10.03
N VAL B 323 12.30 -19.20 8.73
CA VAL B 323 12.47 -17.92 8.06
C VAL B 323 11.27 -17.68 7.15
N LEU B 324 10.66 -16.51 7.28
CA LEU B 324 9.53 -16.10 6.44
C LEU B 324 10.03 -14.96 5.54
N ALA B 325 10.62 -15.33 4.41
CA ALA B 325 11.25 -14.36 3.52
C ALA B 325 10.33 -13.81 2.46
N GLY B 326 9.03 -14.12 2.52
CA GLY B 326 8.11 -13.65 1.51
C GLY B 326 7.74 -12.19 1.63
N HIS B 327 8.70 -11.30 1.38
CA HIS B 327 8.44 -9.87 1.44
C HIS B 327 9.34 -9.15 0.45
N ASP B 328 9.00 -7.89 0.19
CA ASP B 328 9.71 -7.06 -0.78
C ASP B 328 10.57 -5.98 -0.12
N ASN B 329 10.07 -5.34 0.93
CA ASN B 329 10.81 -4.28 1.61
C ASN B 329 10.85 -4.60 3.11
N ARG B 330 11.32 -3.63 3.89
CA ARG B 330 11.44 -3.82 5.33
C ARG B 330 10.06 -3.99 5.97
N VAL B 331 9.97 -4.94 6.90
CA VAL B 331 8.75 -5.14 7.67
C VAL B 331 8.73 -4.15 8.83
N SER B 332 7.54 -3.62 9.13
CA SER B 332 7.40 -2.60 10.16
C SER B 332 6.37 -2.95 11.23
N CYS B 333 5.60 -4.01 11.06
CA CYS B 333 4.55 -4.35 12.02
C CYS B 333 4.13 -5.80 11.83
N LEU B 334 3.90 -6.49 12.94
CA LEU B 334 3.43 -7.87 12.89
C LEU B 334 2.91 -8.25 14.28
N GLY B 335 1.86 -9.06 14.30
CA GLY B 335 1.26 -9.49 15.54
C GLY B 335 0.47 -10.79 15.44
N VAL B 336 0.62 -11.65 16.42
CA VAL B 336 -0.08 -12.93 16.48
C VAL B 336 -1.52 -12.68 16.90
N THR B 337 -2.42 -13.57 16.48
CA THR B 337 -3.82 -13.46 16.84
C THR B 337 -4.02 -13.85 18.30
N ASP B 338 -5.27 -13.72 18.77
CA ASP B 338 -5.57 -14.01 20.17
C ASP B 338 -5.53 -15.51 20.44
N ASP B 339 -6.06 -16.32 19.53
CA ASP B 339 -6.12 -17.76 19.70
C ASP B 339 -4.93 -18.49 19.08
N GLY B 340 -3.95 -17.77 18.54
CA GLY B 340 -2.80 -18.41 17.94
C GLY B 340 -3.08 -19.11 16.62
N MET B 341 -4.05 -18.61 15.85
CA MET B 341 -4.39 -19.29 14.60
C MET B 341 -3.47 -18.85 13.46
N ALA B 342 -3.11 -17.58 13.42
CA ALA B 342 -2.29 -17.07 12.31
C ALA B 342 -1.51 -15.85 12.79
N VAL B 343 -0.53 -15.46 11.97
CA VAL B 343 0.26 -14.27 12.20
C VAL B 343 0.23 -13.43 10.93
N ALA B 344 0.15 -12.11 11.10
CA ALA B 344 0.10 -11.18 9.98
C ALA B 344 1.29 -10.23 10.07
N THR B 345 1.96 -10.01 8.94
CA THR B 345 3.10 -9.11 8.87
C THR B 345 2.84 -8.07 7.78
N GLY B 346 3.18 -6.81 8.09
CA GLY B 346 3.02 -5.74 7.13
C GLY B 346 4.32 -5.03 6.84
N SER B 347 4.69 -4.94 5.55
CA SER B 347 5.94 -4.36 5.13
C SER B 347 5.68 -3.00 4.48
N TRP B 348 6.75 -2.38 3.98
CA TRP B 348 6.67 -1.07 3.36
C TRP B 348 6.24 -1.13 1.90
N ASP B 349 6.01 -2.32 1.35
CA ASP B 349 5.54 -2.45 -0.02
C ASP B 349 4.02 -2.50 -0.12
N SER B 350 3.31 -2.03 0.90
CA SER B 350 1.85 -1.96 0.92
C SER B 350 1.20 -3.32 0.69
N PHE B 351 1.79 -4.39 1.23
CA PHE B 351 1.27 -5.73 1.09
C PHE B 351 1.25 -6.41 2.45
N LEU B 352 0.06 -6.78 2.91
CA LEU B 352 -0.08 -7.60 4.11
C LEU B 352 -0.20 -9.06 3.73
N LYS B 353 0.39 -9.93 4.53
CA LYS B 353 0.36 -11.37 4.29
C LYS B 353 -0.01 -12.09 5.57
N ILE B 354 -0.83 -13.13 5.44
CA ILE B 354 -1.28 -13.95 6.56
C ILE B 354 -0.57 -15.29 6.50
N TRP B 355 0.26 -15.56 7.50
CA TRP B 355 1.00 -16.81 7.59
C TRP B 355 0.31 -17.74 8.56
N ASN B 356 0.27 -19.02 8.22
CA ASN B 356 -0.37 -20.02 9.07
C ASN B 356 0.39 -21.34 9.03
N THR C 6 20.63 27.33 40.75
CA THR C 6 20.51 26.07 41.48
C THR C 6 19.13 25.45 41.27
N ALA C 7 19.01 24.64 40.21
CA ALA C 7 17.76 23.98 39.89
C ALA C 7 17.87 22.47 39.71
N SER C 8 19.08 21.94 39.55
CA SER C 8 19.23 20.49 39.40
C SER C 8 19.08 19.75 40.73
N ILE C 9 19.02 20.47 41.84
CA ILE C 9 18.87 19.82 43.15
C ILE C 9 17.55 19.08 43.22
N ALA C 10 16.49 19.67 42.66
CA ALA C 10 15.18 19.03 42.69
C ALA C 10 15.19 17.70 41.95
N GLN C 11 15.69 17.70 40.72
CA GLN C 11 15.74 16.46 39.94
C GLN C 11 16.71 15.45 40.55
N ALA C 12 17.79 15.92 41.19
CA ALA C 12 18.70 15.00 41.86
C ALA C 12 18.03 14.32 43.03
N ARG C 13 17.30 15.09 43.86
CA ARG C 13 16.56 14.50 44.96
C ARG C 13 15.49 13.54 44.44
N LYS C 14 14.82 13.90 43.34
CA LYS C 14 13.81 13.01 42.78
C LYS C 14 14.42 11.69 42.32
N LEU C 15 15.56 11.74 41.63
CA LEU C 15 16.17 10.52 41.13
C LEU C 15 16.72 9.67 42.28
N VAL C 16 17.30 10.29 43.30
CA VAL C 16 17.82 9.51 44.41
C VAL C 16 16.66 8.91 45.21
N GLU C 17 15.52 9.59 45.27
CA GLU C 17 14.35 9.03 45.92
C GLU C 17 13.83 7.83 45.13
N GLN C 18 13.77 7.95 43.80
CA GLN C 18 13.36 6.82 42.98
C GLN C 18 14.31 5.63 43.16
N LEU C 19 15.61 5.91 43.25
CA LEU C 19 16.58 4.82 43.43
C LEU C 19 16.42 4.14 44.78
N LYS C 20 16.29 4.91 45.87
CA LYS C 20 16.14 4.27 47.17
C LYS C 20 14.78 3.61 47.32
N MET C 21 13.80 4.03 46.52
CA MET C 21 12.51 3.33 46.51
C MET C 21 12.61 2.01 45.76
N GLU C 22 13.31 2.01 44.62
CA GLU C 22 13.49 0.76 43.87
C GLU C 22 14.38 -0.22 44.63
N ALA C 23 15.26 0.29 45.49
CA ALA C 23 16.16 -0.58 46.25
C ALA C 23 15.43 -1.50 47.22
N ASN C 24 14.13 -1.33 47.41
CA ASN C 24 13.35 -2.16 48.33
C ASN C 24 12.57 -3.25 47.61
N ILE C 25 12.81 -3.46 46.32
CA ILE C 25 12.09 -4.50 45.59
C ILE C 25 12.65 -5.87 45.96
N ASP C 26 11.74 -6.84 46.11
CA ASP C 26 12.13 -8.20 46.46
C ASP C 26 12.72 -8.92 45.25
N ARG C 27 13.61 -9.86 45.53
CA ARG C 27 14.28 -10.64 44.51
C ARG C 27 13.97 -12.12 44.70
N ILE C 28 13.78 -12.83 43.59
CA ILE C 28 13.50 -14.26 43.61
C ILE C 28 14.59 -14.97 42.83
N LYS C 29 14.79 -16.26 43.13
CA LYS C 29 15.87 -17.01 42.51
C LYS C 29 15.62 -17.19 41.02
N VAL C 30 16.70 -17.17 40.25
CA VAL C 30 16.58 -17.28 38.80
C VAL C 30 16.13 -18.69 38.40
N SER C 31 16.60 -19.71 39.13
CA SER C 31 16.19 -21.07 38.83
C SER C 31 14.68 -21.26 39.01
N LYS C 32 14.10 -20.58 40.01
CA LYS C 32 12.66 -20.65 40.22
C LYS C 32 11.91 -20.05 39.03
N ALA C 33 12.40 -18.91 38.53
CA ALA C 33 11.77 -18.28 37.38
C ALA C 33 11.88 -19.17 36.14
N ALA C 34 13.04 -19.79 35.95
CA ALA C 34 13.21 -20.70 34.81
C ALA C 34 12.27 -21.89 34.93
N ALA C 35 12.11 -22.44 36.14
CA ALA C 35 11.21 -23.56 36.33
C ALA C 35 9.76 -23.15 36.08
N ASP C 36 9.37 -21.96 36.52
CA ASP C 36 8.01 -21.49 36.28
C ASP C 36 7.75 -21.29 34.80
N LEU C 37 8.72 -20.72 34.07
CA LEU C 37 8.56 -20.56 32.63
C LEU C 37 8.46 -21.91 31.94
N MET C 38 9.29 -22.88 32.35
CA MET C 38 9.23 -24.21 31.77
C MET C 38 7.88 -24.86 32.01
N ALA C 39 7.38 -24.77 33.24
CA ALA C 39 6.08 -25.35 33.55
C ALA C 39 4.98 -24.69 32.73
N TYR C 40 5.03 -23.37 32.58
CA TYR C 40 3.99 -22.68 31.81
C TYR C 40 4.02 -23.08 30.35
N CYS C 41 5.21 -23.15 29.74
CA CYS C 41 5.26 -23.46 28.32
C CYS C 41 4.95 -24.94 28.07
N GLU C 42 5.21 -25.80 29.06
CA GLU C 42 4.90 -27.21 28.89
C GLU C 42 3.44 -27.53 29.21
N ALA C 43 2.77 -26.65 29.96
CA ALA C 43 1.37 -26.91 30.30
C ALA C 43 0.44 -26.55 29.15
N HIS C 44 0.70 -25.44 28.47
CA HIS C 44 -0.16 -24.95 27.40
C HIS C 44 0.38 -25.28 26.01
N ALA C 45 1.29 -26.25 25.90
CA ALA C 45 1.88 -26.58 24.61
C ALA C 45 0.91 -27.30 23.68
N LYS C 46 -0.19 -27.82 24.20
CA LYS C 46 -1.12 -28.58 23.36
C LYS C 46 -2.06 -27.67 22.60
N GLU C 47 -2.30 -26.45 23.10
CA GLU C 47 -3.24 -25.53 22.49
C GLU C 47 -2.57 -24.47 21.61
N ASP C 48 -1.35 -24.74 21.16
CA ASP C 48 -0.64 -23.79 20.31
C ASP C 48 -0.57 -24.32 18.89
N PRO C 49 -1.31 -23.73 17.94
CA PRO C 49 -1.27 -24.21 16.55
C PRO C 49 -0.09 -23.71 15.74
N LEU C 50 0.95 -23.15 16.37
CA LEU C 50 2.13 -22.70 15.65
C LEU C 50 3.16 -23.82 15.52
N LEU C 51 3.63 -24.35 16.64
CA LEU C 51 4.59 -25.45 16.61
C LEU C 51 3.94 -26.81 16.44
N THR C 52 2.65 -26.93 16.76
CA THR C 52 1.93 -28.19 16.59
C THR C 52 1.18 -28.17 15.27
N PRO C 53 1.49 -29.05 14.32
CA PRO C 53 0.79 -29.02 13.04
C PRO C 53 -0.68 -29.38 13.20
N VAL C 54 -1.52 -28.71 12.42
CA VAL C 54 -2.96 -28.91 12.46
C VAL C 54 -3.43 -29.31 11.06
N PRO C 55 -4.35 -30.27 10.94
CA PRO C 55 -4.82 -30.64 9.61
C PRO C 55 -5.54 -29.49 8.92
N ALA C 56 -5.47 -29.49 7.57
CA ALA C 56 -6.06 -28.41 6.79
C ALA C 56 -7.58 -28.45 6.79
N SER C 57 -8.19 -29.52 7.29
CA SER C 57 -9.64 -29.61 7.33
C SER C 57 -10.26 -28.74 8.44
N GLU C 58 -9.45 -28.20 9.34
CA GLU C 58 -9.93 -27.34 10.40
C GLU C 58 -9.45 -25.90 10.32
N ASN C 59 -8.42 -25.63 9.53
CA ASN C 59 -7.89 -24.28 9.41
C ASN C 59 -8.89 -23.38 8.70
N PRO C 60 -9.33 -22.28 9.32
CA PRO C 60 -10.20 -21.34 8.60
C PRO C 60 -9.50 -20.60 7.48
N PHE C 61 -8.16 -20.60 7.46
CA PHE C 61 -7.38 -19.91 6.44
C PHE C 61 -6.98 -20.81 5.28
N ARG C 62 -7.81 -21.81 4.95
CA ARG C 62 -7.49 -22.70 3.84
C ARG C 62 -7.45 -21.94 2.53
N GLU C 63 -6.64 -22.44 1.60
CA GLU C 63 -6.48 -21.79 0.31
C GLU C 63 -6.81 -22.76 -0.83
N TYR D 206 11.82 -31.85 -55.34
CA TYR D 206 10.76 -32.53 -56.09
C TYR D 206 10.71 -32.05 -57.54
N ASP D 207 9.49 -31.89 -58.05
CA ASP D 207 9.34 -31.48 -59.45
C ASP D 207 9.46 -29.97 -59.60
N ILE D 208 8.77 -29.21 -58.75
CA ILE D 208 8.74 -27.76 -58.91
C ILE D 208 10.00 -27.12 -58.35
N ILE D 209 10.70 -27.83 -57.45
CA ILE D 209 11.89 -27.26 -56.84
C ILE D 209 13.04 -27.21 -57.84
N VAL D 210 13.26 -28.27 -58.62
CA VAL D 210 14.37 -28.28 -59.57
C VAL D 210 14.10 -27.34 -60.73
N ARG D 211 12.83 -27.12 -61.05
CA ARG D 211 12.45 -26.28 -62.18
C ARG D 211 12.79 -24.82 -61.91
N HIS D 212 12.38 -24.29 -60.75
CA HIS D 212 12.60 -22.89 -60.46
C HIS D 212 14.08 -22.57 -60.28
N TYR D 213 14.83 -23.47 -59.62
CA TYR D 213 16.24 -23.23 -59.43
C TYR D 213 17.01 -23.34 -60.75
N ASN D 214 16.54 -24.19 -61.66
CA ASN D 214 17.14 -24.26 -62.99
C ASN D 214 16.83 -23.00 -63.79
N TYR D 215 15.62 -22.46 -63.61
CA TYR D 215 15.24 -21.25 -64.33
C TYR D 215 16.05 -20.05 -63.84
N THR D 216 16.15 -19.88 -62.52
CA THR D 216 16.88 -18.74 -61.98
C THR D 216 18.39 -18.86 -62.14
N GLY D 217 18.91 -20.09 -62.26
CA GLY D 217 20.33 -20.30 -62.47
C GLY D 217 21.10 -20.80 -61.27
N LYS D 218 20.49 -20.85 -60.09
CA LYS D 218 21.16 -21.31 -58.89
C LYS D 218 21.31 -22.83 -58.93
N LEU D 219 22.44 -23.31 -59.43
CA LEU D 219 22.71 -24.74 -59.49
C LEU D 219 23.91 -25.11 -58.62
N THR D 232 33.22 -20.70 -44.89
CA THR D 232 32.54 -19.41 -44.96
C THR D 232 31.22 -19.44 -44.19
N SER D 233 30.92 -20.61 -43.60
CA SER D 233 29.70 -20.79 -42.83
C SER D 233 29.98 -21.29 -41.42
N VAL D 234 31.16 -21.00 -40.88
CA VAL D 234 31.55 -21.42 -39.55
C VAL D 234 31.52 -20.26 -38.56
N VAL D 235 32.01 -19.09 -38.97
CA VAL D 235 31.99 -17.94 -38.06
C VAL D 235 30.57 -17.48 -37.80
N PHE D 236 29.64 -17.74 -38.74
CA PHE D 236 28.25 -17.37 -38.53
C PHE D 236 27.66 -18.14 -37.36
N ILE D 237 28.02 -19.43 -37.24
CA ILE D 237 27.50 -20.24 -36.14
C ILE D 237 27.97 -19.69 -34.80
N LEU D 238 29.24 -19.28 -34.71
CA LEU D 238 29.75 -18.81 -33.43
C LEU D 238 29.19 -17.43 -33.09
N ILE D 239 29.02 -16.56 -34.09
CA ILE D 239 28.43 -15.25 -33.77
C ILE D 239 26.96 -15.43 -33.39
N CYS D 240 26.27 -16.40 -34.00
CA CYS D 240 24.89 -16.65 -33.60
C CYS D 240 24.79 -17.21 -32.19
N CYS D 241 25.69 -18.13 -31.82
CA CYS D 241 25.68 -18.65 -30.47
C CYS D 241 26.03 -17.57 -29.46
N PHE D 242 26.93 -16.65 -29.85
CA PHE D 242 27.22 -15.50 -28.99
C PHE D 242 25.99 -14.63 -28.79
N ILE D 243 25.23 -14.39 -29.87
CA ILE D 243 23.99 -13.63 -29.76
C ILE D 243 23.01 -14.33 -28.83
N ILE D 244 22.88 -15.65 -28.96
CA ILE D 244 21.94 -16.40 -28.13
C ILE D 244 22.34 -16.33 -26.67
N LEU D 245 23.64 -16.48 -26.36
CA LEU D 245 24.06 -16.42 -24.98
C LEU D 245 23.90 -15.03 -24.40
N GLU D 246 24.18 -13.99 -25.19
CA GLU D 246 23.96 -12.62 -24.77
C GLU D 246 22.49 -12.41 -24.42
N ASN D 247 21.60 -12.94 -25.26
CA ASN D 247 20.17 -12.74 -25.04
C ASN D 247 19.65 -13.50 -23.82
N ILE D 248 20.12 -14.73 -23.62
CA ILE D 248 19.66 -15.48 -22.44
C ILE D 248 20.26 -14.87 -21.17
N PHE D 249 21.39 -14.18 -21.30
CA PHE D 249 21.94 -13.46 -20.15
C PHE D 249 21.11 -12.21 -19.85
N VAL D 250 20.70 -11.49 -20.88
CA VAL D 250 19.87 -10.30 -20.68
C VAL D 250 18.52 -10.67 -20.08
N LEU D 251 17.91 -11.77 -20.57
CA LEU D 251 16.65 -12.22 -20.00
C LEU D 251 16.81 -12.59 -18.53
N LEU D 252 17.89 -13.31 -18.19
CA LEU D 252 18.11 -13.69 -16.80
C LEU D 252 18.35 -12.46 -15.92
N THR D 253 19.05 -11.46 -16.46
CA THR D 253 19.29 -10.24 -15.69
C THR D 253 18.00 -9.48 -15.44
N ILE D 254 17.14 -9.35 -16.46
CA ILE D 254 15.90 -8.61 -16.30
C ILE D 254 14.93 -9.36 -15.39
N TRP D 255 14.93 -10.70 -15.47
CA TRP D 255 13.90 -11.48 -14.77
C TRP D 255 14.16 -11.52 -13.27
N LYS D 256 15.40 -11.78 -12.87
CA LYS D 256 15.68 -12.07 -11.46
C LYS D 256 15.65 -10.82 -10.59
N THR D 257 15.66 -9.63 -11.17
CA THR D 257 15.70 -8.38 -10.41
C THR D 257 14.30 -7.80 -10.31
N LYS D 258 13.86 -7.51 -9.08
CA LYS D 258 12.52 -6.98 -8.87
C LYS D 258 12.42 -5.53 -9.34
N LYS D 259 13.55 -4.80 -9.33
CA LYS D 259 13.52 -3.38 -9.69
C LYS D 259 13.11 -3.19 -11.15
N PHE D 260 13.60 -4.04 -12.05
CA PHE D 260 13.23 -3.96 -13.46
C PHE D 260 11.98 -4.78 -13.74
N HIS D 261 10.85 -4.28 -13.23
CA HIS D 261 9.56 -4.93 -13.42
C HIS D 261 8.49 -3.97 -13.92
N ARG D 262 8.83 -2.70 -14.13
CA ARG D 262 7.88 -1.73 -14.67
C ARG D 262 7.63 -2.03 -16.14
N PRO D 263 6.51 -1.54 -16.70
CA PRO D 263 6.19 -1.86 -18.10
C PRO D 263 7.24 -1.39 -19.10
N MET D 264 8.19 -0.55 -18.67
CA MET D 264 9.21 -0.06 -19.60
C MET D 264 10.14 -1.18 -20.04
N TYR D 265 10.69 -1.93 -19.09
CA TYR D 265 11.68 -2.96 -19.40
C TYR D 265 11.06 -4.19 -20.07
N TYR D 266 9.73 -4.33 -20.04
CA TYR D 266 9.10 -5.44 -20.74
C TYR D 266 9.25 -5.31 -22.25
N PHE D 267 9.28 -4.08 -22.77
CA PHE D 267 9.56 -3.89 -24.19
C PHE D 267 10.96 -4.36 -24.55
N ILE D 268 11.94 -4.06 -23.70
CA ILE D 268 13.31 -4.51 -23.96
C ILE D 268 13.39 -6.02 -23.86
N GLY D 269 12.68 -6.62 -22.91
CA GLY D 269 12.63 -8.07 -22.83
C GLY D 269 12.02 -8.70 -24.07
N ASN D 270 10.95 -8.09 -24.59
CA ASN D 270 10.34 -8.57 -25.82
C ASN D 270 11.30 -8.47 -27.00
N LEU D 271 12.02 -7.35 -27.11
CA LEU D 271 13.00 -7.20 -28.18
C LEU D 271 14.11 -8.24 -28.06
N ALA D 272 14.55 -8.53 -26.83
CA ALA D 272 15.60 -9.52 -26.65
C ALA D 272 15.12 -10.92 -27.02
N LEU D 273 13.91 -11.28 -26.60
CA LEU D 273 13.35 -12.57 -27.01
C LEU D 273 13.20 -12.65 -28.53
N SER D 274 12.80 -11.54 -29.16
CA SER D 274 12.59 -11.56 -30.60
C SER D 274 13.91 -11.73 -31.36
N ASP D 275 14.97 -11.04 -30.92
CA ASP D 275 16.22 -11.19 -31.65
C ASP D 275 16.89 -12.52 -31.30
N LEU D 276 16.59 -13.10 -30.13
CA LEU D 276 17.00 -14.47 -29.86
C LEU D 276 16.35 -15.44 -30.84
N LEU D 277 15.04 -15.30 -31.04
CA LEU D 277 14.35 -16.13 -32.03
C LEU D 277 14.93 -15.90 -33.42
N ALA D 278 15.31 -14.66 -33.73
CA ALA D 278 15.93 -14.38 -35.01
C ALA D 278 17.25 -15.10 -35.17
N GLY D 279 18.08 -15.10 -34.13
CA GLY D 279 19.33 -15.82 -34.18
C GLY D 279 19.15 -17.31 -34.35
N VAL D 280 18.19 -17.90 -33.62
CA VAL D 280 17.91 -19.33 -33.76
C VAL D 280 17.42 -19.64 -35.16
N ALA D 281 16.56 -18.79 -35.73
CA ALA D 281 16.05 -19.02 -37.08
C ALA D 281 17.16 -18.92 -38.11
N TYR D 282 18.07 -17.95 -37.94
CA TYR D 282 19.18 -17.84 -38.87
C TYR D 282 20.11 -19.05 -38.78
N THR D 283 20.36 -19.52 -37.55
CA THR D 283 21.18 -20.73 -37.39
C THR D 283 20.52 -21.92 -38.09
N ALA D 284 19.22 -22.11 -37.89
CA ALA D 284 18.53 -23.22 -38.53
C ALA D 284 18.55 -23.09 -40.04
N ASN D 285 18.36 -21.88 -40.55
CA ASN D 285 18.36 -21.67 -42.00
C ASN D 285 19.73 -21.94 -42.60
N LEU D 286 20.79 -21.54 -41.90
CA LEU D 286 22.14 -21.78 -42.43
C LEU D 286 22.50 -23.27 -42.34
N LEU D 287 22.01 -23.95 -41.30
CA LEU D 287 22.29 -25.38 -41.17
C LEU D 287 21.54 -26.19 -42.22
N LEU D 288 20.29 -25.82 -42.51
CA LEU D 288 19.50 -26.57 -43.48
C LEU D 288 19.93 -26.25 -44.91
N SER D 289 20.46 -25.05 -45.13
CA SER D 289 20.88 -24.65 -46.47
C SER D 289 22.06 -25.49 -46.94
N GLY D 290 22.16 -25.67 -48.25
CA GLY D 290 23.23 -26.44 -48.84
C GLY D 290 22.76 -27.26 -50.03
N ALA D 291 23.29 -28.48 -50.16
CA ALA D 291 22.85 -29.36 -51.24
C ALA D 291 21.54 -30.06 -50.88
N THR D 292 21.18 -30.04 -49.60
CA THR D 292 19.98 -30.75 -49.15
C THR D 292 18.70 -30.00 -49.48
N THR D 293 18.79 -28.79 -50.02
CA THR D 293 17.58 -28.02 -50.29
C THR D 293 16.76 -28.66 -51.41
N TYR D 294 17.41 -29.42 -52.29
CA TYR D 294 16.68 -30.03 -53.40
C TYR D 294 15.88 -31.24 -52.94
N LYS D 295 16.34 -31.92 -51.88
CA LYS D 295 15.68 -33.14 -51.45
C LYS D 295 14.43 -32.85 -50.65
N LEU D 296 14.43 -31.76 -49.87
CA LEU D 296 13.31 -31.47 -48.99
C LEU D 296 12.08 -31.03 -49.77
N THR D 297 10.92 -31.18 -49.13
CA THR D 297 9.65 -30.85 -49.76
C THR D 297 9.47 -29.34 -49.86
N PRO D 298 8.73 -28.87 -50.87
CA PRO D 298 8.52 -27.42 -50.99
C PRO D 298 7.93 -26.78 -49.76
N ALA D 299 7.06 -27.48 -49.02
CA ALA D 299 6.49 -26.91 -47.81
C ALA D 299 7.58 -26.65 -46.77
N GLN D 300 8.58 -27.55 -46.69
CA GLN D 300 9.69 -27.32 -45.77
C GLN D 300 10.47 -26.07 -46.16
N TRP D 301 10.70 -25.88 -47.46
CA TRP D 301 11.37 -24.67 -47.92
C TRP D 301 10.57 -23.42 -47.55
N PHE D 302 9.28 -23.45 -47.85
CA PHE D 302 8.43 -22.30 -47.54
C PHE D 302 8.53 -22.08 -46.06
N LEU D 303 8.66 -23.16 -45.30
CA LEU D 303 8.78 -23.05 -43.87
C LEU D 303 10.03 -22.27 -43.52
N ARG D 304 11.14 -22.55 -44.19
CA ARG D 304 12.36 -21.85 -43.86
C ARG D 304 12.23 -20.35 -44.09
N GLU D 305 11.65 -19.98 -45.24
CA GLU D 305 11.51 -18.57 -45.53
C GLU D 305 10.57 -17.89 -44.57
N GLY D 306 9.50 -18.59 -44.21
CA GLY D 306 8.54 -18.04 -43.29
C GLY D 306 9.19 -17.80 -41.97
N SER D 307 10.00 -18.75 -41.50
CA SER D 307 10.66 -18.60 -40.22
C SER D 307 11.57 -17.40 -40.27
N MET D 308 12.34 -17.25 -41.33
CA MET D 308 13.24 -16.11 -41.37
C MET D 308 12.48 -14.77 -41.34
N PHE D 309 11.44 -14.67 -42.15
CA PHE D 309 10.69 -13.43 -42.17
C PHE D 309 10.03 -13.13 -40.83
N VAL D 310 9.50 -14.17 -40.20
CA VAL D 310 8.84 -14.01 -38.92
C VAL D 310 9.83 -13.57 -37.87
N ALA D 311 11.08 -14.00 -37.94
CA ALA D 311 12.03 -13.54 -36.95
C ALA D 311 12.35 -12.05 -37.13
N LEU D 312 12.90 -11.70 -38.29
CA LEU D 312 13.30 -10.33 -38.58
C LEU D 312 12.17 -9.30 -38.56
N SER D 313 11.00 -9.65 -39.08
CA SER D 313 9.91 -8.69 -39.05
C SER D 313 9.56 -8.40 -37.60
N ALA D 314 9.48 -9.43 -36.77
CA ALA D 314 9.16 -9.22 -35.38
C ALA D 314 10.21 -8.35 -34.71
N SER D 315 11.49 -8.60 -35.01
CA SER D 315 12.51 -7.77 -34.39
C SER D 315 12.36 -6.32 -34.79
N VAL D 316 12.17 -6.03 -36.07
CA VAL D 316 12.02 -4.62 -36.45
C VAL D 316 10.78 -4.00 -35.84
N PHE D 317 9.70 -4.76 -35.77
CA PHE D 317 8.48 -4.24 -35.19
C PHE D 317 8.58 -3.91 -33.73
N SER D 318 9.30 -4.73 -32.95
CA SER D 318 9.39 -4.43 -31.52
C SER D 318 10.03 -3.06 -31.33
N LEU D 319 11.19 -2.93 -31.95
CA LEU D 319 12.01 -1.73 -31.95
C LEU D 319 11.19 -0.46 -32.19
N LEU D 320 10.10 -0.56 -32.95
CA LEU D 320 9.18 0.57 -33.12
C LEU D 320 8.26 0.78 -31.91
N ALA D 321 7.77 -0.30 -31.30
CA ALA D 321 6.95 -0.16 -30.11
C ALA D 321 7.72 0.48 -28.97
N ILE D 322 9.02 0.20 -28.87
CA ILE D 322 9.85 0.84 -27.85
C ILE D 322 9.82 2.36 -28.03
N ALA D 323 10.03 2.84 -29.26
CA ALA D 323 10.02 4.27 -29.51
C ALA D 323 8.64 4.87 -29.29
N ILE D 324 7.59 4.13 -29.64
CA ILE D 324 6.23 4.62 -29.40
C ILE D 324 6.00 4.83 -27.91
N GLU D 325 6.39 3.85 -27.09
CA GLU D 325 6.22 3.98 -25.64
C GLU D 325 7.06 5.14 -25.10
N ARG D 326 8.30 5.29 -25.58
CA ARG D 326 9.15 6.38 -25.10
C ARG D 326 8.54 7.73 -25.43
N TYR D 327 8.02 7.89 -26.65
CA TYR D 327 7.40 9.16 -27.03
C TYR D 327 6.13 9.42 -26.22
N ILE D 328 5.31 8.39 -26.00
CA ILE D 328 4.09 8.58 -25.22
C ILE D 328 4.44 8.99 -23.79
N THR D 329 5.48 8.40 -23.22
CA THR D 329 5.88 8.76 -21.87
C THR D 329 6.41 10.19 -21.81
N MET D 330 7.29 10.55 -22.74
CA MET D 330 7.90 11.88 -22.72
C MET D 330 6.90 12.97 -23.13
N LEU D 331 5.77 12.58 -23.72
CA LEU D 331 4.81 13.58 -24.19
C LEU D 331 4.20 14.36 -23.02
N LYS D 332 3.91 13.68 -21.91
CA LYS D 332 3.29 14.31 -20.76
C LYS D 332 3.99 13.86 -19.49
N MET D 333 4.20 14.81 -18.57
CA MET D 333 4.86 14.52 -17.29
C MET D 333 3.85 13.92 -16.33
N LYS D 334 4.09 12.68 -15.91
CA LYS D 334 3.17 11.98 -15.04
C LYS D 334 3.67 11.82 -13.61
N LEU D 335 4.94 12.14 -13.35
CA LEU D 335 5.58 12.11 -12.03
C LEU D 335 5.70 10.70 -11.45
N HIS D 336 5.32 9.66 -12.19
CA HIS D 336 5.40 8.30 -11.67
C HIS D 336 5.59 7.33 -12.82
N ASN D 337 6.26 6.21 -12.52
CA ASN D 337 6.52 5.19 -13.54
C ASN D 337 5.33 4.26 -13.70
N GLY D 338 4.43 4.22 -12.72
CA GLY D 338 3.29 3.32 -12.82
C GLY D 338 2.37 3.71 -13.95
N SER D 339 1.97 2.72 -14.74
CA SER D 339 1.10 2.93 -15.88
C SER D 339 0.27 1.69 -16.13
N ASN D 340 -0.74 1.83 -16.98
CA ASN D 340 -1.64 0.72 -17.29
C ASN D 340 -0.92 -0.32 -18.14
N ASN D 341 -1.20 -1.59 -17.85
CA ASN D 341 -0.66 -2.70 -18.62
C ASN D 341 -1.50 -3.05 -19.84
N PHE D 342 -2.69 -2.45 -19.97
CA PHE D 342 -3.53 -2.73 -21.12
C PHE D 342 -2.85 -2.32 -22.42
N ARG D 343 -2.25 -1.13 -22.44
CA ARG D 343 -1.56 -0.67 -23.65
C ARG D 343 -0.34 -1.53 -23.94
N LEU D 344 0.38 -1.95 -22.91
CA LEU D 344 1.52 -2.85 -23.10
C LEU D 344 1.09 -4.15 -23.75
N PHE D 345 0.08 -4.80 -23.20
CA PHE D 345 -0.40 -6.06 -23.76
C PHE D 345 -0.92 -5.87 -25.18
N LEU D 346 -1.63 -4.76 -25.42
CA LEU D 346 -2.14 -4.48 -26.76
C LEU D 346 -1.00 -4.35 -27.76
N LEU D 347 0.04 -3.57 -27.42
CA LEU D 347 1.16 -3.38 -28.33
C LEU D 347 1.89 -4.69 -28.59
N ILE D 348 2.17 -5.46 -27.54
CA ILE D 348 2.90 -6.72 -27.72
C ILE D 348 2.10 -7.67 -28.60
N SER D 349 0.81 -7.83 -28.30
CA SER D 349 -0.02 -8.76 -29.06
C SER D 349 -0.16 -8.31 -30.52
N ALA D 350 -0.37 -7.01 -30.74
CA ALA D 350 -0.48 -6.52 -32.11
C ALA D 350 0.80 -6.75 -32.89
N CYS D 351 1.95 -6.42 -32.29
CA CYS D 351 3.22 -6.69 -32.93
C CYS D 351 3.36 -8.16 -33.32
N TRP D 352 3.09 -9.07 -32.38
CA TRP D 352 3.30 -10.48 -32.65
C TRP D 352 2.35 -11.00 -33.73
N VAL D 353 1.08 -10.62 -33.66
CA VAL D 353 0.11 -11.14 -34.63
C VAL D 353 0.37 -10.55 -36.01
N ILE D 354 0.80 -9.29 -36.09
CA ILE D 354 1.12 -8.72 -37.38
C ILE D 354 2.34 -9.40 -38.00
N SER D 355 3.35 -9.67 -37.17
CA SER D 355 4.52 -10.41 -37.67
C SER D 355 4.11 -11.79 -38.18
N LEU D 356 3.27 -12.50 -37.41
CA LEU D 356 2.85 -13.83 -37.81
C LEU D 356 2.04 -13.80 -39.09
N ILE D 357 1.15 -12.81 -39.24
CA ILE D 357 0.33 -12.72 -40.44
C ILE D 357 1.19 -12.39 -41.65
N LEU D 358 2.14 -11.46 -41.50
CA LEU D 358 3.01 -11.11 -42.61
C LEU D 358 3.90 -12.27 -43.01
N GLY D 359 4.25 -13.12 -42.04
CA GLY D 359 5.06 -14.29 -42.36
C GLY D 359 4.27 -15.40 -43.01
N GLY D 360 3.02 -15.60 -42.59
CA GLY D 360 2.20 -16.67 -43.12
C GLY D 360 1.40 -16.32 -44.35
N LEU D 361 1.37 -15.05 -44.74
CA LEU D 361 0.64 -14.67 -45.95
C LEU D 361 1.11 -15.40 -47.20
N PRO D 362 2.42 -15.59 -47.46
CA PRO D 362 2.81 -16.31 -48.69
C PRO D 362 2.26 -17.72 -48.78
N ILE D 363 1.97 -18.35 -47.64
CA ILE D 363 1.40 -19.69 -47.67
C ILE D 363 -0.03 -19.66 -48.21
N MET D 364 -0.82 -18.69 -47.77
CA MET D 364 -2.21 -18.59 -48.22
C MET D 364 -2.29 -18.09 -49.65
N GLY D 365 -1.76 -16.90 -49.91
CA GLY D 365 -1.80 -16.33 -51.25
C GLY D 365 -0.48 -15.74 -51.69
N TRP D 366 -0.42 -15.25 -52.93
CA TRP D 366 0.81 -14.72 -53.52
C TRP D 366 1.94 -15.75 -53.40
N ASN D 367 1.75 -16.89 -54.04
CA ASN D 367 2.64 -18.03 -53.88
C ASN D 367 3.65 -18.17 -55.01
N CYS D 368 3.36 -17.61 -56.19
CA CYS D 368 4.24 -17.70 -57.36
C CYS D 368 4.52 -19.17 -57.71
N ILE D 369 3.44 -19.93 -57.86
CA ILE D 369 3.58 -21.35 -58.16
C ILE D 369 3.35 -21.64 -59.64
N SER D 370 2.62 -20.78 -60.35
CA SER D 370 2.34 -20.94 -61.77
C SER D 370 3.17 -20.03 -62.64
N ALA D 371 3.16 -18.72 -62.39
CA ALA D 371 3.95 -17.78 -63.15
C ALA D 371 5.42 -17.86 -62.74
N LEU D 372 6.22 -18.60 -63.50
CA LEU D 372 7.63 -18.77 -63.16
C LEU D 372 8.41 -17.48 -63.35
N SER D 373 7.95 -16.60 -64.24
CA SER D 373 8.66 -15.34 -64.46
C SER D 373 8.41 -14.34 -63.33
N SER D 374 7.25 -14.45 -62.68
CA SER D 374 6.90 -13.48 -61.64
C SER D 374 7.74 -13.67 -60.38
N CYS D 375 8.31 -14.87 -60.20
CA CYS D 375 9.09 -15.14 -59.01
C CYS D 375 10.36 -14.30 -58.98
N SER D 376 10.87 -14.05 -57.77
CA SER D 376 12.03 -13.20 -57.60
C SER D 376 13.30 -13.89 -58.10
N THR D 377 14.37 -13.10 -58.20
CA THR D 377 15.65 -13.63 -58.68
C THR D 377 16.53 -14.09 -57.52
N VAL D 378 16.53 -13.35 -56.41
CA VAL D 378 17.37 -13.71 -55.27
C VAL D 378 16.97 -15.08 -54.72
N LEU D 379 15.67 -15.40 -54.76
CA LEU D 379 15.16 -16.68 -54.33
C LEU D 379 13.82 -16.89 -55.01
N PRO D 380 13.56 -18.07 -55.56
CA PRO D 380 12.30 -18.31 -56.26
C PRO D 380 11.17 -18.58 -55.28
N LEU D 381 10.02 -18.97 -55.82
CA LEU D 381 8.83 -19.39 -55.09
C LEU D 381 8.16 -18.26 -54.32
N TYR D 382 8.64 -17.02 -54.44
CA TYR D 382 8.01 -15.87 -53.83
C TYR D 382 7.68 -14.83 -54.89
N HIS D 383 6.49 -14.26 -54.80
CA HIS D 383 6.06 -13.28 -55.79
C HIS D 383 6.76 -11.94 -55.57
N LYS D 384 6.93 -11.20 -56.67
CA LYS D 384 7.62 -9.91 -56.59
C LYS D 384 6.80 -8.89 -55.82
N HIS D 385 5.46 -8.95 -55.95
CA HIS D 385 4.60 -8.02 -55.23
C HIS D 385 4.73 -8.19 -53.72
N TYR D 386 5.02 -9.40 -53.26
CA TYR D 386 5.26 -9.61 -51.83
C TYR D 386 6.49 -8.87 -51.37
N ILE D 387 7.57 -8.92 -52.16
CA ILE D 387 8.79 -8.17 -51.83
C ILE D 387 8.50 -6.68 -51.84
N LEU D 388 7.71 -6.21 -52.81
CA LEU D 388 7.38 -4.80 -52.87
C LEU D 388 6.58 -4.37 -51.64
N PHE D 389 5.64 -5.20 -51.20
CA PHE D 389 4.85 -4.89 -50.02
C PHE D 389 5.73 -4.84 -48.78
N CYS D 390 6.64 -5.80 -48.63
CA CYS D 390 7.56 -5.79 -47.50
C CYS D 390 8.42 -4.55 -47.49
N THR D 391 8.93 -4.15 -48.66
CA THR D 391 9.75 -2.94 -48.74
C THR D 391 8.94 -1.70 -48.39
N THR D 392 7.71 -1.61 -48.89
CA THR D 392 6.88 -0.44 -48.63
C THR D 392 6.44 -0.34 -47.18
N VAL D 393 6.35 -1.47 -46.46
CA VAL D 393 6.06 -1.38 -45.05
C VAL D 393 7.32 -1.10 -44.22
N PHE D 394 8.47 -1.62 -44.67
CA PHE D 394 9.71 -1.36 -43.95
C PHE D 394 10.10 0.12 -44.04
N THR D 395 9.88 0.75 -45.21
CA THR D 395 10.21 2.16 -45.33
C THR D 395 9.31 3.02 -44.45
N LEU D 396 8.05 2.62 -44.29
CA LEU D 396 7.15 3.37 -43.42
C LEU D 396 7.57 3.22 -41.95
N LEU D 397 7.95 2.01 -41.55
CA LEU D 397 8.45 1.82 -40.19
C LEU D 397 9.71 2.66 -39.95
N LEU D 398 10.62 2.68 -40.93
CA LEU D 398 11.85 3.45 -40.78
C LEU D 398 11.55 4.95 -40.70
N LEU D 399 10.56 5.42 -41.46
CA LEU D 399 10.19 6.82 -41.38
C LEU D 399 9.59 7.17 -40.02
N SER D 400 8.71 6.31 -39.50
CA SER D 400 8.07 6.57 -38.22
C SER D 400 9.08 6.59 -37.09
N ILE D 401 10.07 5.70 -37.13
CA ILE D 401 11.09 5.65 -36.09
C ILE D 401 11.82 6.99 -36.00
N VAL D 402 12.28 7.51 -37.15
CA VAL D 402 13.00 8.77 -37.17
C VAL D 402 12.09 9.92 -36.74
N ILE D 403 10.83 9.90 -37.18
CA ILE D 403 9.91 10.98 -36.81
C ILE D 403 9.76 11.04 -35.30
N LEU D 404 9.51 9.91 -34.65
CA LEU D 404 9.33 9.91 -33.21
C LEU D 404 10.62 10.27 -32.48
N TYR D 405 11.76 9.71 -32.90
CA TYR D 405 13.01 9.97 -32.21
C TYR D 405 13.56 11.37 -32.45
N CYS D 406 13.03 12.10 -33.43
CA CYS D 406 13.32 13.52 -33.56
C CYS D 406 12.34 14.40 -32.79
N ARG D 407 11.05 14.03 -32.79
CA ARG D 407 10.07 14.82 -32.07
C ARG D 407 10.32 14.78 -30.57
N ILE D 408 10.76 13.63 -30.04
CA ILE D 408 11.02 13.56 -28.60
C ILE D 408 12.16 14.49 -28.20
N TYR D 409 13.24 14.53 -28.99
CA TYR D 409 14.34 15.43 -28.68
C TYR D 409 13.93 16.88 -28.85
N SER D 410 13.15 17.20 -29.88
CA SER D 410 12.68 18.57 -30.04
C SER D 410 11.83 18.99 -28.84
N LEU D 411 10.97 18.10 -28.36
CA LEU D 411 10.13 18.41 -27.20
C LEU D 411 10.99 18.64 -25.95
N VAL D 412 11.93 17.74 -25.69
CA VAL D 412 12.77 17.88 -24.50
C VAL D 412 13.59 19.16 -24.57
N ARG D 413 14.11 19.53 -25.73
CA ARG D 413 14.92 20.74 -25.76
C ARG D 413 14.13 22.03 -25.61
N THR D 414 13.02 22.16 -26.33
CA THR D 414 12.25 23.38 -26.21
C THR D 414 11.65 23.61 -24.82
N ARG D 415 11.10 22.59 -24.19
CA ARG D 415 10.51 22.79 -22.87
C ARG D 415 11.55 23.20 -21.85
N SER D 416 12.70 22.53 -21.87
CA SER D 416 13.77 22.89 -20.94
C SER D 416 14.35 24.27 -21.16
N ARG D 417 14.60 24.66 -22.40
CA ARG D 417 15.16 25.99 -22.60
C ARG D 417 14.18 27.12 -22.26
N ARG D 418 12.95 26.98 -22.72
CA ARG D 418 11.88 27.96 -22.49
C ARG D 418 11.33 28.09 -21.08
N LEU D 419 11.10 26.94 -20.45
CA LEU D 419 10.49 26.87 -19.11
C LEU D 419 11.43 26.60 -17.94
N THR D 420 12.73 26.63 -18.18
CA THR D 420 13.70 26.45 -17.10
C THR D 420 14.82 27.45 -17.32
N PHE D 421 14.46 28.61 -17.85
CA PHE D 421 15.43 29.65 -18.18
C PHE D 421 16.24 30.32 -17.07
N ARG D 422 15.61 30.61 -15.93
CA ARG D 422 16.32 31.34 -14.86
C ARG D 422 16.69 30.53 -13.64
N LYS D 423 17.95 30.65 -13.23
CA LYS D 423 18.46 29.97 -12.05
C LYS D 423 19.47 30.82 -11.28
N SER D 432 21.80 22.39 -22.52
CA SER D 432 22.69 22.26 -21.37
C SER D 432 23.52 20.99 -21.46
N GLU D 433 23.63 20.27 -20.35
CA GLU D 433 24.41 19.05 -20.31
C GLU D 433 23.58 17.81 -20.65
N LYS D 434 22.32 17.78 -20.24
CA LYS D 434 21.48 16.61 -20.51
C LYS D 434 20.97 16.62 -21.96
N SER D 435 20.78 17.80 -22.53
CA SER D 435 20.35 17.88 -23.92
C SER D 435 21.38 17.27 -24.86
N LEU D 436 22.67 17.52 -24.59
CA LEU D 436 23.72 16.94 -25.43
C LEU D 436 23.79 15.43 -25.26
N ALA D 437 23.56 14.93 -24.05
CA ALA D 437 23.54 13.49 -23.83
C ALA D 437 22.38 12.84 -24.58
N LEU D 438 21.20 13.49 -24.54
CA LEU D 438 20.07 12.98 -25.32
C LEU D 438 20.36 13.02 -26.81
N LEU D 439 21.02 14.08 -27.29
CA LEU D 439 21.37 14.15 -28.71
C LEU D 439 22.34 13.04 -29.09
N LYS D 440 23.31 12.75 -28.22
CA LYS D 440 24.24 11.65 -28.51
C LYS D 440 23.52 10.31 -28.55
N THR D 441 22.64 10.07 -27.57
CA THR D 441 21.89 8.81 -27.57
C THR D 441 21.02 8.68 -28.82
N VAL D 442 20.37 9.76 -29.24
CA VAL D 442 19.55 9.71 -30.45
C VAL D 442 20.40 9.51 -31.70
N ILE D 443 21.55 10.17 -31.80
CA ILE D 443 22.40 10.06 -32.98
C ILE D 443 23.17 8.75 -33.01
N ILE D 444 23.19 8.00 -31.91
CA ILE D 444 23.74 6.66 -31.88
C ILE D 444 22.69 5.61 -32.22
N VAL D 445 21.57 5.62 -31.49
CA VAL D 445 20.56 4.57 -31.67
C VAL D 445 19.94 4.66 -33.07
N LEU D 446 19.59 5.87 -33.51
CA LEU D 446 18.95 6.05 -34.79
C LEU D 446 19.91 5.84 -35.97
N SER D 447 21.21 5.99 -35.76
CA SER D 447 22.18 5.85 -36.83
C SER D 447 22.71 4.42 -36.97
N VAL D 448 22.86 3.69 -35.86
CA VAL D 448 23.36 2.32 -35.96
C VAL D 448 22.35 1.44 -36.70
N PHE D 449 21.06 1.65 -36.45
CA PHE D 449 20.03 0.83 -37.07
C PHE D 449 19.93 1.10 -38.58
N ILE D 450 19.96 2.37 -38.96
CA ILE D 450 19.77 2.72 -40.37
C ILE D 450 21.01 2.36 -41.18
N ALA D 451 22.19 2.50 -40.57
CA ALA D 451 23.43 2.21 -41.29
C ALA D 451 23.54 0.73 -41.66
N CYS D 452 22.92 -0.14 -40.85
CA CYS D 452 23.02 -1.56 -41.08
C CYS D 452 21.87 -2.14 -41.89
N TRP D 453 20.68 -1.53 -41.83
CA TRP D 453 19.52 -2.03 -42.55
C TRP D 453 19.41 -1.45 -43.95
N ALA D 454 20.40 -0.70 -44.42
CA ALA D 454 20.39 -0.10 -45.75
C ALA D 454 20.76 -1.09 -46.85
N PRO D 455 21.83 -1.91 -46.69
CA PRO D 455 22.20 -2.84 -47.78
C PRO D 455 21.10 -3.81 -48.16
N LEU D 456 20.44 -4.40 -47.15
CA LEU D 456 19.35 -5.34 -47.43
C LEU D 456 18.23 -4.66 -48.18
N PHE D 457 17.88 -3.43 -47.78
CA PHE D 457 16.79 -2.70 -48.41
C PHE D 457 17.13 -2.33 -49.85
N ILE D 458 18.37 -1.90 -50.10
CA ILE D 458 18.72 -1.52 -51.47
C ILE D 458 18.82 -2.76 -52.35
N LEU D 459 19.25 -3.90 -51.79
CA LEU D 459 19.27 -5.13 -52.56
C LEU D 459 17.84 -5.59 -52.89
N LEU D 460 16.92 -5.44 -51.94
CA LEU D 460 15.55 -5.85 -52.18
C LEU D 460 14.84 -4.94 -53.17
N LEU D 461 15.25 -3.67 -53.25
CA LEU D 461 14.69 -2.81 -54.29
C LEU D 461 15.39 -3.04 -55.62
N LEU D 462 16.63 -3.55 -55.58
CA LEU D 462 17.40 -3.73 -56.82
C LEU D 462 16.99 -4.99 -57.55
N ASP D 463 16.75 -6.09 -56.83
CA ASP D 463 16.47 -7.35 -57.50
C ASP D 463 15.14 -7.29 -58.25
N VAL D 464 14.26 -6.37 -57.86
CA VAL D 464 12.97 -6.24 -58.53
C VAL D 464 13.16 -5.74 -59.96
N GLY D 465 13.92 -4.67 -60.13
CA GLY D 465 14.09 -4.10 -61.45
C GLY D 465 14.98 -4.94 -62.36
N CYS D 466 16.06 -5.49 -61.81
CA CYS D 466 17.00 -6.26 -62.61
C CYS D 466 16.32 -7.50 -63.18
N LYS D 467 16.64 -7.83 -64.42
CA LYS D 467 16.08 -8.99 -65.08
C LYS D 467 16.81 -10.26 -64.66
N VAL D 468 16.25 -11.40 -65.05
CA VAL D 468 16.83 -12.69 -64.69
C VAL D 468 18.12 -12.90 -65.46
N LYS D 469 19.14 -13.42 -64.78
CA LYS D 469 20.46 -13.75 -65.32
C LYS D 469 21.22 -12.53 -65.83
N THR D 470 20.87 -11.34 -65.38
CA THR D 470 21.56 -10.12 -65.78
C THR D 470 22.29 -9.44 -64.63
N CYS D 471 22.23 -9.99 -63.42
CA CYS D 471 22.88 -9.41 -62.25
C CYS D 471 23.72 -10.50 -61.59
N ASP D 472 25.04 -10.33 -61.62
CA ASP D 472 25.94 -11.32 -61.00
C ASP D 472 26.01 -11.12 -59.49
N ILE D 473 25.80 -9.89 -59.02
CA ILE D 473 25.89 -9.62 -57.59
C ILE D 473 24.71 -10.26 -56.86
N LEU D 474 23.59 -10.45 -57.56
CA LEU D 474 22.40 -11.01 -56.92
C LEU D 474 22.63 -12.43 -56.44
N PHE D 475 23.49 -13.18 -57.14
CA PHE D 475 23.75 -14.57 -56.74
C PHE D 475 24.46 -14.62 -55.40
N ARG D 476 25.32 -13.64 -55.11
CA ARG D 476 26.05 -13.59 -53.85
C ARG D 476 25.31 -12.68 -52.86
N ALA D 477 24.12 -13.15 -52.46
CA ALA D 477 23.27 -12.41 -51.53
C ALA D 477 23.33 -12.95 -50.12
N GLU D 478 24.22 -13.91 -49.84
CA GLU D 478 24.29 -14.47 -48.49
C GLU D 478 25.01 -13.53 -47.54
N TYR D 479 25.97 -12.77 -48.04
CA TYR D 479 26.76 -11.91 -47.16
C TYR D 479 25.96 -10.73 -46.66
N PHE D 480 24.98 -10.27 -47.44
CA PHE D 480 24.22 -9.09 -47.06
C PHE D 480 23.36 -9.34 -45.81
N LEU D 481 22.95 -10.59 -45.60
CA LEU D 481 22.10 -10.89 -44.47
C LEU D 481 22.91 -10.97 -43.17
N VAL D 482 24.23 -11.07 -43.29
CA VAL D 482 25.08 -11.24 -42.11
C VAL D 482 24.98 -10.02 -41.20
N LEU D 483 25.20 -8.83 -41.74
CA LEU D 483 25.07 -7.62 -40.96
C LEU D 483 23.61 -7.33 -40.58
N ALA D 484 22.66 -7.75 -41.41
CA ALA D 484 21.25 -7.56 -41.09
C ALA D 484 20.88 -8.32 -39.83
N VAL D 485 21.40 -9.55 -39.67
CA VAL D 485 21.11 -10.29 -38.45
C VAL D 485 22.04 -9.87 -37.32
N LEU D 486 23.24 -9.36 -37.64
CA LEU D 486 24.14 -8.84 -36.62
C LEU D 486 23.59 -7.60 -35.93
N ASN D 487 22.75 -6.83 -36.63
CA ASN D 487 22.04 -5.73 -35.98
C ASN D 487 21.24 -6.22 -34.77
N SER D 488 20.61 -7.39 -34.91
CA SER D 488 19.83 -7.94 -33.80
C SER D 488 20.72 -8.27 -32.60
N GLY D 489 21.95 -8.71 -32.86
CA GLY D 489 22.86 -9.02 -31.77
C GLY D 489 23.49 -7.79 -31.15
N THR D 490 23.65 -6.73 -31.96
CA THR D 490 24.26 -5.51 -31.45
C THR D 490 23.26 -4.57 -30.79
N ASN D 491 21.96 -4.79 -31.00
CA ASN D 491 20.97 -3.96 -30.31
C ASN D 491 21.03 -4.05 -28.79
N PRO D 492 21.18 -5.24 -28.17
CA PRO D 492 21.25 -5.25 -26.70
C PRO D 492 22.41 -4.47 -26.12
N ILE D 493 23.56 -4.45 -26.80
CA ILE D 493 24.70 -3.68 -26.31
C ILE D 493 24.33 -2.20 -26.21
N ILE D 494 23.67 -1.68 -27.25
CA ILE D 494 23.30 -0.26 -27.24
C ILE D 494 22.21 0.00 -26.21
N TYR D 495 21.23 -0.90 -26.11
CA TYR D 495 20.11 -0.71 -25.20
C TYR D 495 20.46 -1.01 -23.75
N THR D 496 21.66 -1.53 -23.48
CA THR D 496 22.10 -1.77 -22.12
C THR D 496 23.19 -0.82 -21.65
N LEU D 497 24.19 -0.54 -22.50
CA LEU D 497 25.27 0.35 -22.07
C LEU D 497 24.83 1.80 -22.04
N THR D 498 23.64 2.10 -22.57
CA THR D 498 23.16 3.49 -22.57
C THR D 498 22.79 3.95 -21.17
N ASN D 499 21.99 3.17 -20.46
CA ASN D 499 21.54 3.52 -19.13
C ASN D 499 22.51 3.00 -18.07
N LYS D 500 22.55 3.70 -16.94
CA LYS D 500 23.51 3.38 -15.89
C LYS D 500 22.99 2.32 -14.93
N GLU D 501 21.68 2.33 -14.66
CA GLU D 501 21.10 1.42 -13.69
C GLU D 501 21.27 -0.03 -14.11
N MET D 502 20.89 -0.35 -15.35
CA MET D 502 21.04 -1.72 -15.83
C MET D 502 22.51 -2.11 -15.99
N ARG D 503 23.36 -1.15 -16.37
CA ARG D 503 24.79 -1.43 -16.43
C ARG D 503 25.35 -1.77 -15.06
N ARG D 504 24.92 -1.02 -14.02
CA ARG D 504 25.37 -1.32 -12.66
C ARG D 504 24.85 -2.67 -12.20
N ALA D 505 23.60 -3.00 -12.56
CA ALA D 505 23.05 -4.30 -12.20
C ALA D 505 23.82 -5.43 -12.87
N PHE D 506 24.22 -5.24 -14.13
CA PHE D 506 25.02 -6.25 -14.82
C PHE D 506 26.41 -6.36 -14.21
N ILE D 507 27.01 -5.23 -13.81
CA ILE D 507 28.31 -5.26 -13.18
C ILE D 507 28.25 -6.00 -11.84
N ARG D 508 27.15 -5.82 -11.11
CA ARG D 508 26.98 -6.53 -9.84
C ARG D 508 26.94 -8.04 -10.06
N ILE D 509 26.28 -8.49 -11.12
CA ILE D 509 26.23 -9.91 -11.45
C ILE D 509 27.56 -10.33 -12.07
N VAL E 2 -33.00 9.39 12.36
CA VAL E 2 -33.27 9.38 10.92
C VAL E 2 -34.75 9.59 10.67
N GLN E 3 -35.09 10.01 9.46
CA GLN E 3 -36.47 10.30 9.08
C GLN E 3 -36.75 9.77 7.68
N LEU E 4 -37.89 9.11 7.52
CA LEU E 4 -38.36 8.63 6.23
C LEU E 4 -39.83 8.94 6.08
N VAL E 5 -40.24 9.23 4.84
CA VAL E 5 -41.62 9.57 4.53
C VAL E 5 -41.93 9.12 3.11
N GLU E 6 -43.20 8.80 2.88
CA GLU E 6 -43.68 8.35 1.58
C GLU E 6 -44.59 9.40 0.96
N SER E 7 -44.56 9.50 -0.36
CA SER E 7 -45.37 10.46 -1.11
C SER E 7 -45.95 9.79 -2.35
N GLY E 8 -46.94 10.45 -2.93
CA GLY E 8 -47.56 9.93 -4.14
C GLY E 8 -48.59 8.85 -3.89
N GLY E 9 -49.49 9.07 -2.94
CA GLY E 9 -50.54 8.11 -2.64
C GLY E 9 -51.90 8.67 -3.01
N GLY E 10 -52.53 8.04 -4.00
CA GLY E 10 -53.84 8.47 -4.46
C GLY E 10 -54.56 7.37 -5.18
N LEU E 11 -55.88 7.52 -5.26
CA LEU E 11 -56.70 6.53 -5.96
C LEU E 11 -56.41 6.57 -7.44
N VAL E 12 -56.12 5.40 -8.01
CA VAL E 12 -55.78 5.27 -9.43
C VAL E 12 -56.66 4.19 -10.04
N GLN E 13 -57.25 4.50 -11.19
CA GLN E 13 -58.06 3.53 -11.90
C GLN E 13 -57.16 2.47 -12.54
N PRO E 14 -57.70 1.28 -12.81
CA PRO E 14 -56.88 0.25 -13.46
C PRO E 14 -56.43 0.69 -14.85
N GLY E 15 -55.18 0.39 -15.16
CA GLY E 15 -54.57 0.85 -16.40
C GLY E 15 -53.81 2.15 -16.28
N GLY E 16 -53.84 2.81 -15.13
CA GLY E 16 -53.13 4.05 -14.93
C GLY E 16 -51.94 3.88 -14.00
N SER E 17 -50.94 4.73 -14.14
CA SER E 17 -49.70 4.59 -13.38
C SER E 17 -49.31 5.93 -12.76
N ARG E 18 -48.90 5.89 -11.50
CA ARG E 18 -48.33 7.04 -10.80
C ARG E 18 -47.04 6.61 -10.13
N LYS E 19 -46.02 7.47 -10.18
CA LYS E 19 -44.73 7.12 -9.60
C LYS E 19 -44.76 7.34 -8.09
N LEU E 20 -43.98 6.52 -7.38
CA LEU E 20 -43.87 6.59 -5.93
C LEU E 20 -42.54 7.25 -5.57
N SER E 21 -42.57 8.16 -4.61
CA SER E 21 -41.39 8.92 -4.20
C SER E 21 -41.27 8.91 -2.68
N CYS E 22 -40.06 8.62 -2.20
CA CYS E 22 -39.74 8.70 -0.78
C CYS E 22 -38.46 9.49 -0.61
N SER E 23 -38.40 10.31 0.44
CA SER E 23 -37.25 11.17 0.71
C SER E 23 -36.60 10.74 2.01
N ALA E 24 -35.27 10.63 2.00
CA ALA E 24 -34.51 10.19 3.16
C ALA E 24 -33.52 11.29 3.53
N SER E 25 -33.46 11.61 4.83
CA SER E 25 -32.56 12.63 5.34
C SER E 25 -32.06 12.22 6.72
N GLY E 26 -30.80 12.56 6.99
CA GLY E 26 -30.20 12.27 8.28
C GLY E 26 -29.17 11.17 8.29
N PHE E 27 -28.78 10.64 7.12
CA PHE E 27 -27.78 9.60 7.05
C PHE E 27 -27.20 9.55 5.64
N ALA E 28 -26.21 8.67 5.47
CA ALA E 28 -25.52 8.52 4.18
C ALA E 28 -26.32 7.59 3.28
N PHE E 29 -27.23 8.19 2.51
CA PHE E 29 -28.09 7.43 1.61
C PHE E 29 -27.29 6.80 0.49
N SER E 30 -26.11 7.35 0.17
CA SER E 30 -25.33 6.87 -0.96
C SER E 30 -24.69 5.52 -0.71
N SER E 31 -24.76 4.98 0.50
CA SER E 31 -24.11 3.70 0.81
C SER E 31 -25.08 2.75 1.51
N PHE E 32 -26.38 2.92 1.29
CA PHE E 32 -27.41 2.04 1.84
C PHE E 32 -28.22 1.44 0.71
N GLY E 33 -28.41 0.12 0.75
CA GLY E 33 -29.37 -0.51 -0.13
C GLY E 33 -30.79 -0.25 0.33
N MET E 34 -31.74 -0.35 -0.61
CA MET E 34 -33.13 -0.05 -0.35
C MET E 34 -34.00 -1.25 -0.72
N HIS E 35 -34.94 -1.58 0.16
CA HIS E 35 -35.92 -2.64 -0.06
C HIS E 35 -37.31 -2.04 -0.04
N TRP E 36 -38.17 -2.50 -0.95
CA TRP E 36 -39.58 -2.15 -0.91
C TRP E 36 -40.38 -3.33 -0.38
N VAL E 37 -41.43 -3.03 0.38
CA VAL E 37 -42.26 -4.06 1.01
C VAL E 37 -43.72 -3.67 0.83
N ARG E 38 -44.50 -4.57 0.23
CA ARG E 38 -45.93 -4.37 0.06
C ARG E 38 -46.67 -5.10 1.18
N GLN E 39 -47.60 -4.40 1.82
CA GLN E 39 -48.38 -4.95 2.93
C GLN E 39 -49.85 -4.90 2.58
N ALA E 40 -50.42 -6.04 2.24
CA ALA E 40 -51.84 -6.13 1.93
C ALA E 40 -52.66 -6.04 3.22
N PRO E 41 -53.90 -5.58 3.12
CA PRO E 41 -54.75 -5.51 4.31
C PRO E 41 -55.04 -6.90 4.86
N GLU E 42 -55.02 -7.00 6.20
CA GLU E 42 -55.24 -8.26 6.93
C GLU E 42 -54.48 -9.43 6.32
N LYS E 43 -53.29 -9.15 5.78
CA LYS E 43 -52.48 -10.18 5.15
C LYS E 43 -51.01 -9.93 5.46
N GLY E 44 -50.19 -10.93 5.19
CA GLY E 44 -48.77 -10.80 5.42
C GLY E 44 -48.08 -9.99 4.33
N LEU E 45 -47.01 -9.31 4.72
CA LEU E 45 -46.29 -8.47 3.77
C LEU E 45 -45.31 -9.32 2.95
N GLU E 46 -45.03 -8.85 1.72
CA GLU E 46 -44.22 -9.60 0.77
C GLU E 46 -43.18 -8.67 0.14
N TRP E 47 -41.99 -9.20 -0.09
CA TRP E 47 -40.90 -8.43 -0.68
C TRP E 47 -41.24 -8.05 -2.12
N VAL E 48 -40.73 -6.89 -2.56
CA VAL E 48 -41.06 -6.33 -3.87
C VAL E 48 -39.82 -6.11 -4.72
N ALA E 49 -38.90 -5.26 -4.26
CA ALA E 49 -37.75 -4.90 -5.07
C ALA E 49 -36.58 -4.49 -4.19
N TYR E 50 -35.38 -4.48 -4.78
CA TYR E 50 -34.15 -4.13 -4.07
C TYR E 50 -33.20 -3.46 -5.05
N ILE E 51 -32.43 -2.48 -4.56
CA ILE E 51 -31.35 -1.88 -5.32
C ILE E 51 -30.13 -1.83 -4.41
N SER E 52 -28.97 -2.18 -4.95
CA SER E 52 -27.74 -2.19 -4.18
C SER E 52 -27.13 -0.79 -4.13
N SER E 53 -26.05 -0.67 -3.36
CA SER E 53 -25.34 0.60 -3.24
C SER E 53 -24.66 0.94 -4.56
N GLY E 54 -25.04 2.08 -5.15
CA GLY E 54 -24.50 2.48 -6.43
C GLY E 54 -25.26 1.98 -7.64
N SER E 55 -26.46 1.45 -7.45
CA SER E 55 -27.30 0.93 -8.54
C SER E 55 -26.59 -0.15 -9.34
N GLY E 56 -25.78 -0.97 -8.67
CA GLY E 56 -25.05 -2.01 -9.37
C GLY E 56 -25.92 -3.21 -9.71
N THR E 57 -26.67 -3.71 -8.72
CA THR E 57 -27.53 -4.88 -8.91
C THR E 57 -28.95 -4.50 -8.56
N ILE E 58 -29.85 -4.60 -9.55
CA ILE E 58 -31.27 -4.33 -9.37
C ILE E 58 -32.03 -5.64 -9.48
N TYR E 59 -32.79 -5.98 -8.45
CA TYR E 59 -33.54 -7.22 -8.40
C TYR E 59 -35.04 -6.92 -8.36
N TYR E 60 -35.85 -7.94 -8.64
CA TYR E 60 -37.30 -7.83 -8.64
C TYR E 60 -37.93 -9.11 -8.15
N ALA E 61 -39.24 -9.07 -7.96
CA ALA E 61 -40.01 -10.24 -7.59
C ALA E 61 -40.58 -10.91 -8.83
N ASP E 62 -40.88 -12.21 -8.71
CA ASP E 62 -41.35 -12.98 -9.85
C ASP E 62 -42.75 -12.54 -10.28
N THR E 63 -43.54 -12.00 -9.35
CA THR E 63 -44.90 -11.60 -9.67
C THR E 63 -44.93 -10.33 -10.52
N VAL E 64 -44.18 -9.31 -10.11
CA VAL E 64 -44.20 -8.02 -10.78
C VAL E 64 -42.96 -7.82 -11.65
N LYS E 65 -42.33 -8.92 -12.09
CA LYS E 65 -41.14 -8.82 -12.92
C LYS E 65 -41.47 -8.19 -14.27
N GLY E 66 -40.66 -7.22 -14.68
CA GLY E 66 -40.84 -6.56 -15.95
C GLY E 66 -41.95 -5.54 -16.00
N ARG E 67 -42.67 -5.32 -14.90
CA ARG E 67 -43.80 -4.40 -14.87
C ARG E 67 -43.52 -3.19 -13.98
N PHE E 68 -42.47 -3.20 -13.19
CA PHE E 68 -42.12 -2.11 -12.28
C PHE E 68 -40.74 -1.59 -12.67
N THR E 69 -40.62 -0.27 -12.78
CA THR E 69 -39.31 0.34 -13.02
C THR E 69 -38.90 1.16 -11.80
N ILE E 70 -37.68 0.92 -11.31
CA ILE E 70 -37.22 1.55 -10.07
C ILE E 70 -35.82 2.09 -10.31
N SER E 71 -35.49 3.18 -9.62
CA SER E 71 -34.21 3.84 -9.78
C SER E 71 -33.89 4.63 -8.52
N ARG E 72 -32.62 5.02 -8.39
CA ARG E 72 -32.12 5.77 -7.25
C ARG E 72 -31.59 7.12 -7.72
N ASP E 73 -31.77 8.15 -6.89
CA ASP E 73 -31.19 9.47 -7.13
C ASP E 73 -30.33 9.82 -5.91
N ASP E 74 -29.01 9.72 -6.09
CA ASP E 74 -28.11 9.95 -4.96
C ASP E 74 -27.95 11.43 -4.58
N PRO E 75 -27.78 12.39 -5.51
CA PRO E 75 -27.54 13.77 -5.08
C PRO E 75 -28.66 14.36 -4.23
N LYS E 76 -29.92 13.97 -4.47
CA LYS E 76 -31.04 14.53 -3.74
C LYS E 76 -31.59 13.56 -2.69
N ASN E 77 -30.97 12.40 -2.52
CA ASN E 77 -31.37 11.42 -1.51
C ASN E 77 -32.85 11.03 -1.63
N THR E 78 -33.33 10.92 -2.87
CA THR E 78 -34.73 10.63 -3.14
C THR E 78 -34.83 9.36 -3.99
N LEU E 79 -35.76 8.49 -3.63
CA LEU E 79 -35.96 7.21 -4.30
C LEU E 79 -37.27 7.22 -5.07
N PHE E 80 -37.26 6.60 -6.24
CA PHE E 80 -38.40 6.61 -7.15
C PHE E 80 -38.77 5.19 -7.54
N LEU E 81 -40.08 4.96 -7.72
CA LEU E 81 -40.61 3.68 -8.18
C LEU E 81 -41.72 3.93 -9.20
N GLN E 82 -41.56 3.36 -10.40
CA GLN E 82 -42.55 3.49 -11.46
C GLN E 82 -43.04 2.11 -11.86
N MET E 83 -44.32 2.01 -12.20
CA MET E 83 -44.91 0.78 -12.71
C MET E 83 -45.54 1.06 -14.06
N THR E 84 -45.61 0.02 -14.90
CA THR E 84 -46.19 0.17 -16.23
C THR E 84 -47.67 -0.19 -16.25
N SER E 85 -48.01 -1.41 -15.83
CA SER E 85 -49.39 -1.87 -15.78
C SER E 85 -49.82 -2.00 -14.33
N LEU E 86 -51.13 -1.93 -14.10
CA LEU E 86 -51.71 -1.96 -12.77
C LEU E 86 -52.98 -2.82 -12.79
N ARG E 87 -53.09 -3.70 -11.81
CA ARG E 87 -54.20 -4.65 -11.71
C ARG E 87 -55.01 -4.39 -10.44
N SER E 88 -56.01 -5.23 -10.21
CA SER E 88 -56.91 -5.06 -9.08
C SER E 88 -56.33 -5.58 -7.76
N GLU E 89 -55.20 -6.28 -7.80
CA GLU E 89 -54.60 -6.84 -6.59
C GLU E 89 -53.41 -6.04 -6.10
N ASP E 90 -53.11 -4.89 -6.70
CA ASP E 90 -52.01 -4.04 -6.27
C ASP E 90 -52.40 -3.06 -5.17
N THR E 91 -53.57 -3.24 -4.55
CA THR E 91 -54.04 -2.36 -3.49
C THR E 91 -53.45 -2.83 -2.16
N ALA E 92 -52.44 -2.11 -1.68
CA ALA E 92 -51.75 -2.48 -0.46
C ALA E 92 -50.91 -1.30 0.02
N MET E 93 -50.43 -1.41 1.26
CA MET E 93 -49.52 -0.43 1.80
C MET E 93 -48.12 -0.64 1.22
N TYR E 94 -47.33 0.44 1.22
CA TYR E 94 -45.98 0.41 0.66
C TYR E 94 -45.01 0.99 1.67
N TYR E 95 -43.96 0.23 1.99
CA TYR E 95 -42.93 0.65 2.92
C TYR E 95 -41.57 0.58 2.24
N CYS E 96 -40.64 1.38 2.74
CA CYS E 96 -39.24 1.33 2.31
C CYS E 96 -38.36 1.18 3.54
N VAL E 97 -37.36 0.30 3.43
CA VAL E 97 -36.50 -0.03 4.56
C VAL E 97 -35.04 -0.01 4.08
N ARG E 98 -34.18 0.66 4.83
CA ARG E 98 -32.76 0.68 4.50
C ARG E 98 -32.09 -0.60 4.98
N SER E 99 -31.01 -0.96 4.31
CA SER E 99 -30.26 -2.16 4.65
C SER E 99 -28.85 -2.07 4.09
N ILE E 100 -27.86 -2.33 4.94
CA ILE E 100 -26.46 -2.34 4.56
C ILE E 100 -25.88 -3.68 4.97
N TYR E 101 -25.16 -4.34 4.05
CA TYR E 101 -24.69 -5.70 4.25
C TYR E 101 -23.17 -5.72 4.36
N TYR E 102 -22.68 -6.02 5.57
CA TYR E 102 -21.27 -6.29 5.80
C TYR E 102 -21.16 -7.15 7.06
N TYR E 103 -19.94 -7.46 7.44
CA TYR E 103 -19.73 -8.33 8.60
C TYR E 103 -20.17 -7.63 9.88
N GLY E 104 -21.19 -8.19 10.52
CA GLY E 104 -21.69 -7.63 11.75
C GLY E 104 -22.76 -6.56 11.59
N SER E 105 -23.32 -6.41 10.39
CA SER E 105 -24.33 -5.38 10.15
C SER E 105 -25.71 -5.88 10.57
N SER E 106 -26.67 -4.96 10.55
CA SER E 106 -28.06 -5.25 10.91
C SER E 106 -28.99 -4.76 9.81
N PRO E 107 -29.31 -5.60 8.82
CA PRO E 107 -30.22 -5.16 7.76
C PRO E 107 -31.63 -4.96 8.27
N PHE E 108 -32.42 -4.21 7.48
CA PHE E 108 -33.82 -3.94 7.80
C PHE E 108 -33.97 -3.29 9.18
N ASP E 109 -33.07 -2.36 9.50
CA ASP E 109 -33.04 -1.83 10.86
C ASP E 109 -34.14 -0.80 11.09
N PHE E 110 -34.32 0.14 10.15
CA PHE E 110 -35.28 1.23 10.33
C PHE E 110 -36.35 1.12 9.25
N TRP E 111 -37.59 0.89 9.67
CA TRP E 111 -38.70 0.84 8.74
C TRP E 111 -39.29 2.23 8.52
N GLY E 112 -39.81 2.45 7.31
CA GLY E 112 -40.45 3.71 7.01
C GLY E 112 -41.86 3.79 7.57
N GLN E 113 -42.47 4.96 7.41
CA GLN E 113 -43.82 5.15 7.91
C GLN E 113 -44.85 4.41 7.07
N GLY E 114 -44.77 4.55 5.75
CA GLY E 114 -45.67 3.86 4.85
C GLY E 114 -46.75 4.78 4.31
N THR E 115 -47.31 4.37 3.17
CA THR E 115 -48.36 5.13 2.51
C THR E 115 -49.52 4.20 2.19
N THR E 116 -50.65 4.79 1.80
CA THR E 116 -51.87 4.06 1.48
C THR E 116 -52.14 4.16 -0.01
N LEU E 117 -52.36 3.01 -0.64
CA LEU E 117 -52.69 2.94 -2.06
C LEU E 117 -53.93 2.08 -2.23
N THR E 118 -54.95 2.64 -2.88
CA THR E 118 -56.22 1.97 -3.06
C THR E 118 -56.56 1.91 -4.55
N VAL E 119 -56.98 0.73 -5.01
CA VAL E 119 -57.35 0.52 -6.40
C VAL E 119 -58.77 -0.02 -6.44
N SER E 120 -59.62 0.61 -7.25
CA SER E 120 -61.01 0.22 -7.40
C SER E 120 -61.21 -0.43 -8.77
N SER E 121 -61.86 -1.59 -8.78
CA SER E 121 -62.11 -2.32 -10.01
C SER E 121 -63.49 -2.00 -10.56
N SER E 136 -38.95 -25.10 -5.68
CA SER E 136 -38.43 -23.84 -6.19
C SER E 136 -38.20 -22.84 -5.06
N ASP E 137 -39.13 -21.91 -4.91
CA ASP E 137 -39.01 -20.91 -3.84
C ASP E 137 -39.27 -21.53 -2.49
N ILE E 138 -38.84 -20.83 -1.44
CA ILE E 138 -38.97 -21.35 -0.08
C ILE E 138 -40.41 -21.18 0.39
N VAL E 139 -40.94 -22.22 1.02
CA VAL E 139 -42.28 -22.20 1.61
C VAL E 139 -42.12 -22.14 3.12
N MET E 140 -42.56 -21.03 3.72
CA MET E 140 -42.41 -20.78 5.14
C MET E 140 -43.79 -20.55 5.74
N THR E 141 -44.20 -21.46 6.63
CA THR E 141 -45.51 -21.41 7.27
C THR E 141 -45.34 -21.33 8.77
N GLN E 142 -46.03 -20.38 9.40
CA GLN E 142 -45.98 -20.23 10.84
C GLN E 142 -46.88 -21.27 11.52
N ALA E 143 -46.73 -21.37 12.85
CA ALA E 143 -47.43 -22.41 13.59
C ALA E 143 -48.93 -22.15 13.65
N THR E 144 -49.33 -20.99 14.17
CA THR E 144 -50.74 -20.71 14.43
C THR E 144 -51.06 -19.27 14.07
N SER E 145 -52.36 -18.95 14.09
CA SER E 145 -52.81 -17.62 13.70
C SER E 145 -52.76 -16.65 14.89
N SER E 146 -53.26 -17.07 16.04
CA SER E 146 -53.31 -16.19 17.20
C SER E 146 -53.23 -17.03 18.47
N VAL E 147 -52.65 -16.43 19.51
CA VAL E 147 -52.50 -17.08 20.81
C VAL E 147 -52.98 -16.11 21.90
N PRO E 148 -53.84 -16.60 22.80
CA PRO E 148 -54.24 -15.77 23.94
C PRO E 148 -53.26 -15.90 25.09
N VAL E 149 -52.69 -14.77 25.52
CA VAL E 149 -51.65 -14.76 26.55
C VAL E 149 -52.00 -13.74 27.61
N THR E 150 -52.05 -14.17 28.86
CA THR E 150 -52.21 -13.24 29.96
C THR E 150 -50.86 -12.60 30.31
N PRO E 151 -50.86 -11.35 30.77
CA PRO E 151 -49.59 -10.65 31.01
C PRO E 151 -48.72 -11.37 32.03
N GLY E 152 -47.40 -11.17 31.89
CA GLY E 152 -46.44 -11.72 32.82
C GLY E 152 -46.17 -13.20 32.64
N GLU E 153 -46.31 -13.72 31.42
CA GLU E 153 -46.10 -15.13 31.12
C GLU E 153 -45.19 -15.26 29.92
N SER E 154 -44.38 -16.33 29.91
CA SER E 154 -43.50 -16.59 28.78
C SER E 154 -44.30 -17.08 27.58
N VAL E 155 -43.88 -16.67 26.39
CA VAL E 155 -44.54 -17.04 25.14
C VAL E 155 -43.51 -17.65 24.21
N SER E 156 -43.89 -18.75 23.55
CA SER E 156 -43.04 -19.44 22.59
C SER E 156 -43.72 -19.43 21.24
N ILE E 157 -43.07 -18.82 20.24
CA ILE E 157 -43.58 -18.75 18.88
C ILE E 157 -42.62 -19.53 17.98
N SER E 158 -43.18 -20.41 17.16
CA SER E 158 -42.39 -21.27 16.28
C SER E 158 -42.72 -20.96 14.83
N CYS E 159 -41.68 -20.71 14.04
CA CYS E 159 -41.81 -20.50 12.60
C CYS E 159 -41.04 -21.60 11.88
N ARG E 160 -41.72 -22.32 11.00
CA ARG E 160 -41.15 -23.47 10.32
C ARG E 160 -40.91 -23.16 8.85
N SER E 161 -39.85 -23.72 8.31
CA SER E 161 -39.49 -23.56 6.90
C SER E 161 -39.41 -24.91 6.23
N SER E 162 -39.48 -24.90 4.90
CA SER E 162 -39.42 -26.12 4.11
C SER E 162 -38.02 -26.46 3.62
N LYS E 163 -37.02 -25.65 3.98
CA LYS E 163 -35.64 -25.90 3.57
C LYS E 163 -34.71 -25.65 4.75
N SER E 164 -33.50 -26.19 4.64
CA SER E 164 -32.47 -26.01 5.66
C SER E 164 -31.83 -24.64 5.47
N LEU E 165 -32.18 -23.69 6.35
CA LEU E 165 -31.67 -22.33 6.21
C LEU E 165 -30.20 -22.25 6.63
N LEU E 166 -29.73 -23.22 7.39
CA LEU E 166 -28.34 -23.22 7.83
C LEU E 166 -27.40 -23.35 6.63
N HIS E 167 -26.54 -22.35 6.47
CA HIS E 167 -25.58 -22.32 5.36
C HIS E 167 -24.26 -22.96 5.79
N SER E 168 -23.41 -23.21 4.79
CA SER E 168 -22.12 -23.83 5.06
C SER E 168 -21.22 -22.92 5.90
N ASN E 169 -21.49 -21.61 5.86
CA ASN E 169 -20.69 -20.68 6.67
C ASN E 169 -20.88 -20.90 8.16
N GLY E 170 -22.09 -21.30 8.57
CA GLY E 170 -22.37 -21.58 9.97
C GLY E 170 -23.38 -20.66 10.62
N ASN E 171 -24.11 -19.85 9.87
CA ASN E 171 -25.07 -18.91 10.42
C ASN E 171 -26.41 -19.01 9.69
N THR E 172 -27.48 -19.21 10.44
CA THR E 172 -28.81 -19.23 9.85
C THR E 172 -29.21 -17.82 9.42
N TYR E 173 -30.06 -17.73 8.39
CA TYR E 173 -30.48 -16.46 7.83
C TYR E 173 -31.96 -16.18 8.05
N LEU E 174 -32.49 -16.51 9.22
CA LEU E 174 -33.91 -16.29 9.53
C LEU E 174 -34.02 -15.07 10.44
N TYR E 175 -34.58 -13.98 9.92
CA TYR E 175 -34.78 -12.78 10.71
C TYR E 175 -36.13 -12.84 11.43
N TRP E 176 -36.34 -11.89 12.34
CA TRP E 176 -37.53 -11.85 13.17
C TRP E 176 -37.81 -10.41 13.58
N PHE E 177 -39.06 -9.98 13.47
CA PHE E 177 -39.44 -8.63 13.90
C PHE E 177 -40.91 -8.59 14.29
N LEU E 178 -41.27 -7.57 15.07
CA LEU E 178 -42.61 -7.37 15.58
C LEU E 178 -43.21 -6.10 14.99
N GLN E 179 -44.54 -6.08 14.86
CA GLN E 179 -45.26 -4.92 14.37
C GLN E 179 -46.23 -4.45 15.45
N ARG E 180 -46.06 -3.19 15.88
CA ARG E 180 -46.98 -2.60 16.83
C ARG E 180 -48.32 -2.30 16.15
N PRO E 181 -49.42 -2.37 16.89
CA PRO E 181 -50.73 -2.08 16.28
C PRO E 181 -50.87 -0.60 15.96
N GLY E 182 -50.97 -0.31 14.67
CA GLY E 182 -51.09 1.07 14.21
C GLY E 182 -49.78 1.74 13.84
N GLN E 183 -48.64 1.07 14.03
CA GLN E 183 -47.35 1.64 13.68
C GLN E 183 -46.58 0.65 12.82
N SER E 184 -45.49 1.14 12.23
CA SER E 184 -44.68 0.30 11.36
C SER E 184 -43.88 -0.69 12.19
N PRO E 185 -43.59 -1.88 11.66
CA PRO E 185 -42.82 -2.87 12.44
C PRO E 185 -41.38 -2.45 12.61
N GLN E 186 -40.75 -3.01 13.65
CA GLN E 186 -39.35 -2.72 13.97
C GLN E 186 -38.59 -4.02 14.14
N LEU E 187 -37.33 -4.02 13.73
CA LEU E 187 -36.51 -5.22 13.81
C LEU E 187 -36.21 -5.56 15.26
N LEU E 188 -36.29 -6.86 15.59
CA LEU E 188 -35.99 -7.36 16.91
C LEU E 188 -34.73 -8.20 16.97
N ILE E 189 -34.69 -9.28 16.19
CA ILE E 189 -33.55 -10.20 16.24
C ILE E 189 -32.95 -10.68 14.93
N TYR E 190 -31.80 -10.17 14.53
CA TYR E 190 -31.18 -10.65 13.30
C TYR E 190 -30.50 -12.02 13.47
N ARG E 191 -30.33 -12.73 12.36
CA ARG E 191 -29.76 -14.07 12.30
C ARG E 191 -30.53 -15.03 13.20
N MET E 192 -29.83 -15.80 13.99
CA MET E 192 -30.53 -16.73 14.85
C MET E 192 -30.80 -16.17 16.23
N SER E 193 -29.78 -15.56 16.82
CA SER E 193 -29.84 -15.07 18.21
C SER E 193 -29.50 -13.61 18.59
N ASN E 194 -28.62 -12.95 17.85
CA ASN E 194 -28.18 -11.58 18.18
C ASN E 194 -29.31 -10.60 18.45
N LEU E 195 -29.20 -9.75 19.47
CA LEU E 195 -30.27 -8.79 19.66
C LEU E 195 -29.96 -7.50 18.93
N ALA E 196 -31.01 -6.84 18.43
CA ALA E 196 -30.85 -5.57 17.75
C ALA E 196 -30.59 -4.45 18.76
N SER E 197 -30.30 -3.26 18.23
CA SER E 197 -29.99 -2.10 19.06
C SER E 197 -31.27 -1.38 19.43
N GLY E 198 -31.42 -1.06 20.72
CA GLY E 198 -32.55 -0.32 21.22
C GLY E 198 -33.66 -1.17 21.82
N VAL E 199 -33.73 -2.45 21.48
CA VAL E 199 -34.77 -3.33 21.99
C VAL E 199 -34.31 -3.97 23.30
N PRO E 200 -35.21 -4.22 24.25
CA PRO E 200 -34.79 -4.82 25.53
C PRO E 200 -34.30 -6.24 25.34
N ASP E 201 -33.57 -6.72 26.35
CA ASP E 201 -32.96 -8.04 26.31
C ASP E 201 -33.92 -9.16 26.69
N ARG E 202 -35.22 -8.88 26.80
CA ARG E 202 -36.17 -9.94 27.13
C ARG E 202 -36.34 -10.92 25.99
N PHE E 203 -36.31 -10.42 24.76
CA PHE E 203 -36.51 -11.29 23.59
C PHE E 203 -35.28 -12.15 23.35
N SER E 204 -35.51 -13.43 23.04
CA SER E 204 -34.44 -14.37 22.76
C SER E 204 -34.92 -15.37 21.73
N GLY E 205 -33.99 -15.88 20.92
CA GLY E 205 -34.31 -16.82 19.88
C GLY E 205 -33.30 -17.93 19.79
N SER E 206 -33.72 -19.03 19.17
CA SER E 206 -32.86 -20.19 18.98
C SER E 206 -33.37 -20.97 17.77
N GLY E 207 -32.54 -21.90 17.31
CA GLY E 207 -32.91 -22.70 16.16
C GLY E 207 -31.97 -23.87 16.00
N SER E 208 -32.30 -24.74 15.04
CA SER E 208 -31.50 -25.92 14.75
C SER E 208 -31.14 -25.99 13.27
N GLY E 209 -31.98 -25.40 12.43
CA GLY E 209 -31.75 -25.41 10.99
C GLY E 209 -33.00 -25.63 10.19
N THR E 210 -34.00 -26.29 10.78
CA THR E 210 -35.28 -26.52 10.13
C THR E 210 -36.44 -25.90 10.90
N ALA E 211 -36.51 -26.11 12.21
CA ALA E 211 -37.55 -25.54 13.06
C ALA E 211 -36.93 -24.51 13.98
N PHE E 212 -37.46 -23.28 13.93
CA PHE E 212 -36.96 -22.17 14.72
C PHE E 212 -38.04 -21.72 15.70
N THR E 213 -37.61 -21.26 16.87
CA THR E 213 -38.52 -20.80 17.90
C THR E 213 -37.96 -19.55 18.56
N LEU E 214 -38.86 -18.78 19.18
CA LEU E 214 -38.51 -17.59 19.92
C LEU E 214 -39.19 -17.61 21.28
N THR E 215 -38.45 -17.25 22.33
CA THR E 215 -38.96 -17.23 23.68
C THR E 215 -38.89 -15.82 24.25
N ILE E 216 -39.92 -15.43 24.99
CA ILE E 216 -40.00 -14.14 25.65
C ILE E 216 -40.02 -14.37 27.15
N SER E 217 -39.14 -13.67 27.87
CA SER E 217 -39.04 -13.88 29.32
C SER E 217 -40.23 -13.26 30.05
N ARG E 218 -40.41 -11.95 29.92
CA ARG E 218 -41.51 -11.23 30.55
C ARG E 218 -42.25 -10.43 29.50
N LEU E 219 -43.59 -10.47 29.58
CA LEU E 219 -44.45 -9.81 28.61
C LEU E 219 -45.21 -8.68 29.29
N GLU E 220 -45.19 -7.50 28.67
CA GLU E 220 -45.88 -6.31 29.15
C GLU E 220 -46.94 -5.90 28.13
N ALA E 221 -47.52 -4.72 28.34
CA ALA E 221 -48.61 -4.24 27.49
C ALA E 221 -48.13 -3.45 26.28
N GLU E 222 -46.91 -2.92 26.30
CA GLU E 222 -46.43 -2.11 25.18
C GLU E 222 -45.87 -2.94 24.04
N ASP E 223 -45.75 -4.26 24.20
CA ASP E 223 -45.27 -5.14 23.13
C ASP E 223 -46.36 -6.16 22.82
N VAL E 224 -47.29 -5.77 21.96
CA VAL E 224 -48.36 -6.64 21.47
C VAL E 224 -48.50 -6.41 19.97
N GLY E 225 -49.08 -7.39 19.28
CA GLY E 225 -49.31 -7.26 17.86
C GLY E 225 -49.18 -8.55 17.09
N VAL E 226 -48.55 -8.48 15.92
CA VAL E 226 -48.35 -9.65 15.06
C VAL E 226 -46.85 -9.86 14.85
N TYR E 227 -46.46 -11.11 14.63
CA TYR E 227 -45.07 -11.48 14.43
C TYR E 227 -44.86 -12.02 13.03
N TYR E 228 -43.65 -11.83 12.51
CA TYR E 228 -43.28 -12.33 11.18
C TYR E 228 -41.88 -12.93 11.22
N CYS E 229 -41.65 -13.90 10.35
CA CYS E 229 -40.34 -14.51 10.20
C CYS E 229 -39.92 -14.46 8.74
N MET E 230 -38.74 -13.88 8.50
CA MET E 230 -38.20 -13.70 7.16
C MET E 230 -37.07 -14.70 6.91
N GLN E 231 -36.84 -15.02 5.65
CA GLN E 231 -35.73 -15.87 5.24
C GLN E 231 -34.82 -15.07 4.32
N HIS E 232 -33.53 -15.39 4.34
CA HIS E 232 -32.57 -14.70 3.48
C HIS E 232 -31.53 -15.61 2.85
N LEU E 233 -31.68 -16.93 2.97
CA LEU E 233 -30.70 -17.84 2.37
C LEU E 233 -30.74 -17.74 0.84
N GLU E 234 -31.90 -17.98 0.25
CA GLU E 234 -32.09 -17.82 -1.19
C GLU E 234 -32.79 -16.50 -1.45
N TYR E 235 -32.43 -15.87 -2.58
CA TYR E 235 -32.75 -14.46 -2.75
C TYR E 235 -34.24 -14.13 -2.85
N PRO E 236 -35.11 -14.94 -3.47
CA PRO E 236 -36.52 -14.55 -3.52
C PRO E 236 -37.17 -14.58 -2.14
N LEU E 237 -36.97 -13.50 -1.39
CA LEU E 237 -37.44 -13.39 -0.02
C LEU E 237 -38.93 -13.72 0.09
N THR E 238 -39.27 -14.45 1.14
CA THR E 238 -40.66 -14.76 1.47
C THR E 238 -40.85 -14.59 2.97
N PHE E 239 -42.01 -14.05 3.34
CA PHE E 239 -42.36 -13.83 4.74
C PHE E 239 -43.36 -14.88 5.19
N GLY E 240 -43.74 -14.80 6.46
CA GLY E 240 -44.69 -15.74 7.02
C GLY E 240 -46.12 -15.22 6.97
N ALA E 241 -47.04 -16.05 7.45
CA ALA E 241 -48.45 -15.66 7.45
C ALA E 241 -48.72 -14.57 8.47
N GLY E 242 -48.09 -14.65 9.64
CA GLY E 242 -48.27 -13.64 10.66
C GLY E 242 -49.12 -14.13 11.82
N THR E 243 -48.49 -14.34 12.98
CA THR E 243 -49.18 -14.80 14.17
C THR E 243 -49.48 -13.60 15.07
N LYS E 244 -50.74 -13.47 15.47
CA LYS E 244 -51.18 -12.33 16.27
C LYS E 244 -51.09 -12.64 17.75
N LEU E 245 -50.65 -11.66 18.53
CA LEU E 245 -50.59 -11.78 19.98
C LEU E 245 -51.78 -11.03 20.58
N GLU E 246 -52.58 -11.72 21.38
CA GLU E 246 -53.77 -11.15 21.99
C GLU E 246 -53.51 -10.91 23.47
N LEU E 247 -53.89 -9.73 23.95
CA LEU E 247 -53.62 -9.34 25.33
C LEU E 247 -54.70 -9.87 26.26
C10 JEU F . 17.22 -13.67 -49.41
C11 JEU F . 16.91 -12.31 -49.47
C12 JEU F . 16.28 -11.70 -48.38
C13 JEU F . 15.92 -12.43 -47.25
C14 JEU F . 15.30 -11.76 -46.18
C17 JEU F . 14.18 -10.31 -45.04
C19 JEU F . 13.38 -9.21 -44.67
C20 JEU F . 13.05 -9.02 -43.34
C02 JEU F . 19.70 -16.60 -50.37
C03 JEU F . 18.62 -17.10 -49.39
C05 JEU F . 17.13 -15.91 -47.98
C06 JEU F . 16.76 -16.15 -46.54
C07 JEU F . 16.02 -14.89 -46.09
C08 JEU F . 16.25 -13.81 -47.19
C09 JEU F . 16.88 -14.42 -48.27
C21 JEU F . 12.25 -7.93 -42.97
C22 JEU F . 11.78 -7.05 -43.92
C23 JEU F . 12.10 -7.25 -45.26
C24 JEU F . 12.90 -8.33 -45.64
C25 JEU F . 11.59 -6.29 -46.35
C28 JEU F . 10.59 -5.86 -42.16
C29 JEU F . 9.73 -4.60 -42.01
C30 JEU F . 9.80 -7.11 -41.76
N04 JEU F . 18.52 -16.22 -48.23
N15 JEU F . 15.42 -12.09 -44.91
N18 JEU F . 14.55 -10.67 -46.26
N26 JEU F . 11.22 -5.59 -47.16
O01 JEU F . 19.42 -17.10 -51.64
O16 JEU F . 14.70 -11.18 -44.18
O27 JEU F . 10.96 -5.95 -43.54
#